data_5DJW
#
_entry.id   5DJW
#
_cell.length_a   89.260
_cell.length_b   74.860
_cell.length_c   94.430
_cell.angle_alpha   90.00
_cell.angle_beta   95.70
_cell.angle_gamma   90.00
#
_symmetry.space_group_name_H-M   'P 1 21 1'
#
loop_
_entity.id
_entity.type
_entity.pdbx_description
1 polymer 'Alpha-glucosidase II'
2 water water
#
_entity_poly.entity_id   1
_entity_poly.type   'polypeptide(L)'
_entity_poly.pdbx_seq_one_letter_code
;MMVGDGIAKFIPEGFDAQKIPSFAIEKEPREQGALPADWVLVPEFSLTDGKANASLTVPEGTSIYGGGEVTGSLLRNGKT
IKLWNTDSGAYGVDKGTRLYQSHPWMMGVRKDGTAFGILFDTTWKAELSSTDEKIELKSEGIPFRVFIIDRESPQAVIRG
LSELTGTMPMIPRWALGYQQCRFSYSPDSRVIEIADTFRLKRIPCDVIWMDIDYMDGYRIFTFNPKSFPNPKAVNRDLHI
RGFHSAWMIDPGAKVDPNYFVYKSGTENDVWVKTADGKNFHGDAWPGAAAFPDFTSPKVNKWWRNLYKDFLAQGVDGVWN
DVNEPQINDTPNKTMPEDNLHRGGGKLPAGTHLQYHNVYGFLMVKASREGILDARPEKRPFILTRSNFLGGQRYAATWTG
DNGSCWDHLKMSVPMSLTLGLSGQPFSGADIGGFLFNADADLFGNWIGFGAFYPFARGHACAGTNNKEPWVFGQKVEDAS
RIALERRYILLPYFYTLLHEASTNGMPIMRPVFFSDPKDLSLRAEEEAFLVGDNLLIIPAFANQPALPKGIWKELSLVEG
DQNDKYQAKMKIRGGAIIPTGKIIQNTTENSLDPLTLLVCLDEQGKASGNMYWDAGDGWSYKKGDYSLLQFVAERNGDKV
TVKLTKKTGKYNTENKDMAVIKIITDQGIRQASGNLVEGIEIRLHHHHHHLRVPRGS
;
_entity_poly.pdbx_strand_id   A,B
#
# COMPACT_ATOMS: atom_id res chain seq x y z
N SER A 46 -47.57 35.82 14.63
CA SER A 46 -48.74 35.80 13.75
C SER A 46 -49.60 34.55 13.93
N LEU A 47 -50.32 34.19 12.86
CA LEU A 47 -51.46 33.31 12.91
C LEU A 47 -51.41 32.22 11.85
N THR A 48 -52.28 31.20 11.98
CA THR A 48 -52.22 29.98 11.16
C THR A 48 -53.38 28.95 11.18
N ASP A 49 -53.96 28.69 12.35
CA ASP A 49 -55.31 28.15 12.55
C ASP A 49 -55.64 26.76 12.01
N GLY A 50 -55.76 26.64 10.70
CA GLY A 50 -56.26 25.41 10.10
C GLY A 50 -55.38 24.69 9.12
N LYS A 51 -55.53 24.98 7.60
CA LYS A 51 -54.26 24.43 7.15
C LYS A 51 -53.21 24.98 8.08
N ALA A 52 -52.30 24.22 8.71
CA ALA A 52 -51.28 24.83 9.64
C ALA A 52 -50.38 25.87 8.96
N ASN A 53 -49.30 26.38 9.56
CA ASN A 53 -48.45 27.38 8.94
C ASN A 53 -47.11 27.53 9.66
N ALA A 54 -46.83 28.71 10.20
CA ALA A 54 -45.57 28.96 10.91
C ALA A 54 -45.37 30.43 11.24
N SER A 55 -44.29 30.72 11.97
CA SER A 55 -43.96 32.09 12.36
C SER A 55 -42.50 32.41 12.05
N LEU A 56 -41.95 33.38 12.74
CA LEU A 56 -40.53 33.76 12.64
C LEU A 56 -40.05 34.77 11.59
N THR A 57 -40.22 36.04 11.89
CA THR A 57 -39.80 37.08 10.98
C THR A 57 -38.31 37.30 11.14
N VAL A 58 -37.66 37.69 10.05
CA VAL A 58 -36.19 37.80 9.99
C VAL A 58 -35.67 39.24 10.08
N PRO A 59 -34.59 39.47 10.82
CA PRO A 59 -33.98 40.79 10.83
C PRO A 59 -33.41 41.06 9.47
N GLU A 60 -33.21 42.32 9.13
CA GLU A 60 -32.63 42.65 7.85
C GLU A 60 -31.13 42.41 7.89
N GLY A 61 -30.57 42.15 6.73
CA GLY A 61 -29.18 41.78 6.65
C GLY A 61 -28.98 40.33 6.95
N THR A 62 -30.03 39.56 6.86
CA THR A 62 -29.93 38.16 7.17
C THR A 62 -29.62 37.26 5.95
N SER A 63 -28.74 36.29 6.19
CA SER A 63 -28.31 35.37 5.19
C SER A 63 -29.06 34.08 5.48
N ILE A 64 -29.87 33.65 4.54
CA ILE A 64 -30.68 32.48 4.74
C ILE A 64 -30.17 31.23 4.02
N TYR A 65 -30.03 30.18 4.82
CA TYR A 65 -29.50 28.90 4.46
C TYR A 65 -30.62 27.92 4.80
N GLY A 66 -30.31 26.64 4.82
CA GLY A 66 -31.33 25.64 5.10
C GLY A 66 -32.03 25.03 3.91
N GLY A 67 -33.10 24.29 4.16
CA GLY A 67 -33.78 23.51 3.15
C GLY A 67 -33.47 22.03 2.86
N GLY A 68 -32.50 21.43 3.53
CA GLY A 68 -32.09 20.03 3.28
C GLY A 68 -31.37 19.63 1.99
N GLU A 69 -32.01 18.79 1.18
CA GLU A 69 -31.52 18.50 -0.14
C GLU A 69 -32.28 19.40 -1.10
N VAL A 70 -31.56 20.19 -1.88
CA VAL A 70 -32.22 21.21 -2.63
C VAL A 70 -31.56 21.50 -3.95
N THR A 71 -32.17 22.37 -4.72
CA THR A 71 -31.58 22.71 -6.02
C THR A 71 -30.90 24.05 -6.05
N GLY A 72 -30.21 24.29 -7.15
CA GLY A 72 -29.63 25.57 -7.46
C GLY A 72 -28.31 25.96 -6.83
N SER A 73 -27.93 27.17 -7.13
CA SER A 73 -26.88 27.80 -6.41
C SER A 73 -27.61 28.32 -5.20
N LEU A 74 -28.34 27.42 -4.56
CA LEU A 74 -29.09 27.79 -3.38
C LEU A 74 -28.25 27.78 -2.11
N LEU A 75 -26.93 27.97 -2.19
CA LEU A 75 -26.24 28.01 -0.94
C LEU A 75 -27.00 28.94 -0.03
N ARG A 76 -27.41 30.07 -0.56
CA ARG A 76 -28.26 31.02 0.10
C ARG A 76 -29.67 31.03 -0.49
N ASN A 77 -30.60 31.53 0.31
CA ASN A 77 -32.03 31.50 0.05
C ASN A 77 -32.71 32.86 -0.01
N GLY A 78 -34.01 32.82 -0.19
CA GLY A 78 -34.82 33.82 -0.89
C GLY A 78 -35.72 33.14 -1.92
N LYS A 79 -35.74 31.82 -1.83
CA LYS A 79 -36.47 30.98 -2.74
C LYS A 79 -37.38 30.07 -1.98
N THR A 80 -38.37 29.55 -2.65
CA THR A 80 -39.33 28.67 -2.01
C THR A 80 -39.19 27.26 -2.56
N ILE A 81 -39.25 26.29 -1.67
CA ILE A 81 -39.16 24.90 -2.08
C ILE A 81 -40.26 24.08 -1.45
N LYS A 82 -40.57 22.96 -2.08
CA LYS A 82 -41.64 22.09 -1.63
C LYS A 82 -41.10 20.92 -0.83
N LEU A 83 -41.73 20.65 0.30
CA LEU A 83 -41.36 19.52 1.17
C LEU A 83 -42.24 18.31 0.91
N TRP A 84 -41.69 17.33 0.19
CA TRP A 84 -42.37 16.11 -0.20
C TRP A 84 -41.63 15.56 -1.40
N ASN A 85 -42.30 14.81 -2.27
CA ASN A 85 -41.65 14.44 -3.50
C ASN A 85 -40.99 13.10 -3.70
N THR A 86 -40.65 12.93 -4.97
CA THR A 86 -40.52 11.71 -5.75
C THR A 86 -39.36 11.91 -6.72
N ASP A 87 -38.90 10.86 -7.38
CA ASP A 87 -37.79 11.00 -8.31
C ASP A 87 -37.71 12.42 -8.91
N SER A 88 -37.65 13.44 -8.05
CA SER A 88 -37.49 14.82 -8.52
C SER A 88 -36.05 15.21 -8.65
N GLY A 89 -35.18 14.29 -8.30
CA GLY A 89 -33.81 14.28 -8.73
C GLY A 89 -34.08 13.83 -10.13
N ALA A 90 -33.11 13.95 -11.02
CA ALA A 90 -33.36 13.83 -12.45
C ALA A 90 -32.28 14.71 -13.03
N TYR A 91 -32.60 15.61 -13.94
CA TYR A 91 -31.63 16.62 -14.26
C TYR A 91 -31.91 17.57 -13.11
N GLY A 92 -31.91 16.98 -11.92
CA GLY A 92 -32.37 17.62 -10.70
C GLY A 92 -33.03 18.96 -10.91
N VAL A 93 -32.21 20.00 -10.86
CA VAL A 93 -32.64 21.34 -11.17
C VAL A 93 -32.14 22.53 -10.39
N ASP A 94 -32.24 23.67 -11.07
CA ASP A 94 -31.86 25.01 -10.63
C ASP A 94 -32.93 25.84 -9.89
N LYS A 95 -33.48 25.34 -8.78
CA LYS A 95 -34.23 26.20 -7.87
C LYS A 95 -35.78 26.25 -8.00
N GLY A 96 -36.46 26.05 -6.86
CA GLY A 96 -37.91 25.93 -6.76
C GLY A 96 -38.58 24.55 -6.81
N THR A 97 -37.77 23.51 -6.92
CA THR A 97 -38.29 22.15 -7.04
C THR A 97 -38.08 21.27 -5.82
N ARG A 98 -39.11 20.52 -5.45
CA ARG A 98 -39.02 19.48 -4.46
C ARG A 98 -38.22 18.27 -4.94
N LEU A 99 -37.34 17.76 -4.09
CA LEU A 99 -36.57 16.60 -4.43
C LEU A 99 -36.92 15.43 -3.52
N TYR A 100 -35.95 14.53 -3.37
CA TYR A 100 -36.11 13.25 -2.68
C TYR A 100 -36.40 13.29 -1.20
N GLN A 101 -35.76 14.21 -0.47
CA GLN A 101 -35.88 14.22 0.98
C GLN A 101 -36.56 15.48 1.49
N SER A 102 -37.06 15.42 2.73
CA SER A 102 -37.71 16.56 3.32
C SER A 102 -37.02 17.00 4.60
N HIS A 103 -36.58 18.24 4.63
CA HIS A 103 -36.13 18.88 5.87
C HIS A 103 -36.77 20.24 6.12
N PRO A 104 -37.69 20.34 7.08
CA PRO A 104 -38.31 21.63 7.42
C PRO A 104 -37.51 22.44 8.44
N TRP A 105 -36.46 23.08 7.99
CA TRP A 105 -35.58 23.82 8.85
C TRP A 105 -34.82 24.81 7.99
N MET A 106 -34.38 25.94 8.53
CA MET A 106 -33.56 26.85 7.74
C MET A 106 -32.27 27.45 8.32
N MET A 107 -32.35 28.17 9.43
CA MET A 107 -31.20 28.79 10.07
C MET A 107 -30.94 30.16 9.46
N GLY A 108 -30.68 31.15 10.30
CA GLY A 108 -30.31 32.46 9.84
C GLY A 108 -29.06 33.03 10.46
N VAL A 109 -28.17 33.56 9.65
CA VAL A 109 -27.06 34.36 10.15
C VAL A 109 -27.31 35.86 9.93
N ARG A 110 -27.36 36.58 11.02
CA ARG A 110 -27.58 38.01 11.02
C ARG A 110 -26.35 38.62 10.38
N LYS A 111 -26.42 39.84 9.86
CA LYS A 111 -25.28 40.42 9.17
C LYS A 111 -24.13 40.41 10.14
N ASP A 112 -24.44 40.47 11.43
CA ASP A 112 -23.40 40.24 12.42
C ASP A 112 -22.77 38.89 12.11
N GLY A 113 -22.41 38.15 13.16
CA GLY A 113 -21.92 36.80 13.02
C GLY A 113 -22.83 35.77 13.66
N THR A 114 -23.88 36.31 14.23
CA THR A 114 -24.88 35.61 14.99
C THR A 114 -25.73 34.68 14.11
N ALA A 115 -26.31 33.65 14.69
CA ALA A 115 -27.14 32.74 13.93
C ALA A 115 -28.32 32.27 14.73
N PHE A 116 -29.36 31.84 14.05
CA PHE A 116 -30.51 31.28 14.72
C PHE A 116 -31.03 30.13 13.88
N GLY A 117 -31.71 29.17 14.51
CA GLY A 117 -32.28 28.01 13.83
C GLY A 117 -33.74 27.73 14.08
N ILE A 118 -34.52 27.64 13.00
CA ILE A 118 -35.97 27.42 13.09
C ILE A 118 -36.39 26.05 12.60
N LEU A 119 -36.97 25.25 13.49
CA LEU A 119 -37.45 23.93 13.10
C LEU A 119 -38.97 23.79 13.25
N PHE A 120 -39.67 23.64 12.13
CA PHE A 120 -41.11 23.45 12.18
C PHE A 120 -41.35 21.98 12.22
N ASP A 121 -41.73 21.49 13.38
CA ASP A 121 -41.75 20.07 13.63
C ASP A 121 -43.03 19.47 13.11
N THR A 122 -43.07 19.28 11.80
CA THR A 122 -44.17 18.58 11.17
C THR A 122 -43.69 17.53 10.21
N THR A 123 -44.24 16.34 10.36
CA THR A 123 -43.93 15.22 9.51
C THR A 123 -44.78 15.25 8.25
N TRP A 124 -45.68 16.22 8.21
CA TRP A 124 -46.65 16.35 7.15
C TRP A 124 -46.02 17.02 5.97
N LYS A 125 -46.83 17.39 5.00
CA LYS A 125 -46.38 17.85 3.72
C LYS A 125 -46.63 19.33 3.53
N ALA A 126 -45.59 20.11 3.68
CA ALA A 126 -45.76 21.54 3.73
C ALA A 126 -45.40 22.26 2.42
N GLU A 127 -44.27 22.95 2.48
CA GLU A 127 -43.70 23.73 1.39
C GLU A 127 -42.98 24.91 1.99
N LEU A 128 -41.66 24.95 1.86
CA LEU A 128 -40.86 26.09 2.31
C LEU A 128 -40.64 27.13 1.23
N SER A 129 -40.95 28.35 1.58
CA SER A 129 -40.98 29.42 0.64
C SER A 129 -40.62 30.70 1.32
N SER A 130 -39.32 30.98 1.41
CA SER A 130 -38.81 31.99 2.31
C SER A 130 -37.78 32.99 1.80
N THR A 131 -38.27 34.00 1.10
CA THR A 131 -37.41 35.07 0.59
C THR A 131 -36.86 35.90 1.75
N ASP A 132 -36.53 37.16 1.47
CA ASP A 132 -36.00 38.06 2.49
C ASP A 132 -37.12 38.51 3.43
N GLU A 133 -38.35 38.49 2.92
CA GLU A 133 -39.51 38.88 3.69
C GLU A 133 -40.01 37.73 4.53
N LYS A 134 -39.16 37.24 5.46
CA LYS A 134 -39.55 36.24 6.47
C LYS A 134 -39.50 34.76 6.06
N ILE A 135 -39.29 33.88 7.05
CA ILE A 135 -39.39 32.43 6.85
C ILE A 135 -40.77 31.94 7.26
N GLU A 136 -41.51 31.41 6.29
CA GLU A 136 -42.79 30.76 6.56
C GLU A 136 -42.94 29.39 5.90
N LEU A 137 -43.35 28.40 6.68
CA LEU A 137 -43.67 27.11 6.13
C LEU A 137 -45.18 26.89 6.17
N LYS A 138 -45.84 26.84 5.02
CA LYS A 138 -47.28 26.77 5.00
C LYS A 138 -47.81 25.43 4.51
N SER A 139 -48.44 24.70 5.41
CA SER A 139 -48.62 23.25 5.34
C SER A 139 -50.07 22.79 5.28
N GLU A 140 -50.23 21.52 4.94
CA GLU A 140 -51.53 20.88 4.73
C GLU A 140 -51.96 19.90 5.84
N GLY A 141 -51.55 20.16 7.07
CA GLY A 141 -51.97 19.35 8.20
C GLY A 141 -52.53 20.01 9.46
N ILE A 142 -51.89 19.71 10.58
CA ILE A 142 -52.37 20.16 11.88
C ILE A 142 -51.42 21.14 12.56
N PRO A 143 -51.89 21.71 13.75
CA PRO A 143 -50.92 22.64 14.37
C PRO A 143 -49.63 21.91 14.73
N PHE A 144 -48.51 22.59 14.58
CA PHE A 144 -47.21 21.98 14.84
C PHE A 144 -46.28 22.75 15.79
N ARG A 145 -45.46 21.99 16.48
CA ARG A 145 -44.45 22.51 17.36
C ARG A 145 -43.42 23.32 16.60
N VAL A 146 -42.85 24.30 17.27
CA VAL A 146 -41.76 25.07 16.73
C VAL A 146 -40.61 25.09 17.73
N PHE A 147 -39.40 25.08 17.20
CA PHE A 147 -38.23 25.18 18.02
C PHE A 147 -37.31 26.27 17.48
N ILE A 148 -36.81 27.14 18.36
CA ILE A 148 -35.96 28.26 17.99
C ILE A 148 -34.59 28.21 18.68
N ILE A 149 -33.53 28.33 17.88
CA ILE A 149 -32.17 28.45 18.38
C ILE A 149 -31.69 29.88 18.25
N ASP A 150 -31.20 30.46 19.33
CA ASP A 150 -30.42 31.66 19.23
C ASP A 150 -29.13 31.44 20.01
N ARG A 151 -28.06 31.22 19.27
CA ARG A 151 -26.74 30.94 19.82
C ARG A 151 -25.69 31.81 19.16
N GLU A 152 -24.51 31.82 19.75
CA GLU A 152 -23.44 32.74 19.41
C GLU A 152 -22.89 32.55 18.03
N SER A 153 -23.14 31.38 17.49
CA SER A 153 -22.63 30.97 16.19
C SER A 153 -23.61 30.23 15.31
N PRO A 154 -23.32 30.20 14.03
CA PRO A 154 -23.92 29.30 13.03
C PRO A 154 -23.51 27.85 13.26
N GLN A 155 -22.29 27.71 13.72
CA GLN A 155 -21.74 26.43 14.11
C GLN A 155 -22.49 25.86 15.32
N ALA A 156 -22.91 26.74 16.20
CA ALA A 156 -23.78 26.42 17.33
C ALA A 156 -25.25 26.13 17.02
N VAL A 157 -25.75 26.59 15.90
CA VAL A 157 -27.03 26.16 15.43
C VAL A 157 -27.08 24.71 14.96
N ILE A 158 -26.04 24.29 14.26
CA ILE A 158 -25.92 22.92 13.78
C ILE A 158 -25.76 21.89 14.88
N ARG A 159 -24.93 22.23 15.84
CA ARG A 159 -24.71 21.37 16.96
C ARG A 159 -26.04 21.24 17.63
N GLY A 160 -26.69 22.37 17.70
CA GLY A 160 -27.98 22.56 18.30
C GLY A 160 -29.11 21.81 17.66
N LEU A 161 -29.08 21.68 16.35
CA LEU A 161 -30.05 20.90 15.64
C LEU A 161 -29.95 19.44 16.04
N SER A 162 -28.72 18.94 16.06
CA SER A 162 -28.45 17.58 16.50
C SER A 162 -28.85 17.40 17.96
N GLU A 163 -28.57 18.42 18.77
CA GLU A 163 -28.97 18.40 20.18
C GLU A 163 -30.43 18.00 20.26
N LEU A 164 -31.26 18.68 19.49
CA LEU A 164 -32.65 18.29 19.29
C LEU A 164 -32.87 17.05 18.43
N THR A 165 -32.30 17.05 17.23
CA THR A 165 -32.52 15.97 16.28
C THR A 165 -31.58 14.81 16.37
N GLY A 166 -30.45 15.00 17.03
CA GLY A 166 -29.42 13.99 17.14
C GLY A 166 -28.36 13.90 16.06
N THR A 167 -27.41 12.98 16.24
CA THR A 167 -26.30 12.80 15.33
C THR A 167 -26.42 11.62 14.37
N MET A 168 -25.41 11.42 13.55
CA MET A 168 -25.28 10.21 12.78
C MET A 168 -24.53 9.20 13.60
N PRO A 169 -25.06 7.99 13.72
CA PRO A 169 -24.31 6.89 14.34
C PRO A 169 -23.12 6.48 13.48
N MET A 170 -22.02 6.13 14.13
CA MET A 170 -20.75 5.85 13.45
C MET A 170 -20.79 4.70 12.44
N ILE A 171 -20.18 4.95 11.28
CA ILE A 171 -19.93 3.97 10.28
C ILE A 171 -18.54 3.43 10.44
N PRO A 172 -18.21 2.41 9.71
CA PRO A 172 -16.84 1.94 9.63
C PRO A 172 -15.94 2.88 8.84
N ARG A 173 -14.63 2.69 9.00
CA ARG A 173 -13.65 3.53 8.33
C ARG A 173 -13.65 3.30 6.81
N TRP A 174 -14.28 2.23 6.36
CA TRP A 174 -14.31 1.94 4.96
C TRP A 174 -15.45 2.61 4.25
N ALA A 175 -16.33 3.19 5.03
CA ALA A 175 -17.37 4.09 4.55
C ALA A 175 -16.75 5.38 4.08
N LEU A 176 -15.53 5.60 4.54
CA LEU A 176 -14.71 6.72 4.13
C LEU A 176 -13.84 6.47 2.91
N GLY A 177 -13.79 5.25 2.42
CA GLY A 177 -13.09 4.94 1.21
C GLY A 177 -13.84 5.29 -0.06
N TYR A 178 -13.12 5.37 -1.17
CA TYR A 178 -13.76 5.52 -2.45
C TYR A 178 -14.63 4.31 -2.78
N GLN A 179 -15.79 4.57 -3.36
CA GLN A 179 -16.74 3.52 -3.66
C GLN A 179 -17.13 3.55 -5.13
N GLN A 180 -17.54 2.40 -5.66
CA GLN A 180 -17.91 2.32 -7.05
C GLN A 180 -18.93 1.22 -7.25
N CYS A 181 -19.63 1.27 -8.37
CA CYS A 181 -20.58 0.26 -8.79
C CYS A 181 -20.25 -0.11 -10.21
N ARG A 182 -20.95 -1.11 -10.74
CA ARG A 182 -21.00 -1.30 -12.18
C ARG A 182 -22.03 -2.35 -12.58
N PHE A 183 -21.49 -3.53 -12.85
CA PHE A 183 -22.23 -4.68 -13.31
C PHE A 183 -22.20 -4.66 -14.82
N SER A 184 -22.34 -5.81 -15.42
CA SER A 184 -22.16 -5.94 -16.84
C SER A 184 -22.87 -7.21 -17.20
N TYR A 185 -22.93 -7.52 -18.48
CA TYR A 185 -23.63 -8.73 -18.84
C TYR A 185 -22.87 -9.99 -19.32
N SER A 186 -21.96 -9.84 -20.26
CA SER A 186 -21.80 -10.74 -21.38
C SER A 186 -21.57 -12.16 -20.92
N PRO A 187 -20.82 -12.31 -19.84
CA PRO A 187 -20.72 -13.61 -19.14
C PRO A 187 -21.62 -13.63 -17.88
N ASP A 188 -21.17 -14.27 -16.80
CA ASP A 188 -21.97 -14.44 -15.58
C ASP A 188 -22.31 -13.10 -14.97
N SER A 189 -21.33 -12.22 -14.93
CA SER A 189 -21.53 -10.84 -14.54
C SER A 189 -20.32 -10.12 -15.04
N ARG A 190 -19.38 -9.79 -14.18
CA ARG A 190 -18.03 -9.54 -14.62
C ARG A 190 -17.02 -10.32 -13.82
N VAL A 191 -17.53 -11.03 -12.82
CA VAL A 191 -16.63 -11.69 -11.91
C VAL A 191 -15.76 -10.59 -11.30
N ILE A 192 -16.34 -9.41 -11.17
CA ILE A 192 -15.64 -8.27 -10.64
C ILE A 192 -14.76 -7.67 -11.72
N GLU A 193 -13.61 -8.30 -11.98
CA GLU A 193 -12.65 -7.80 -12.96
C GLU A 193 -12.47 -6.30 -12.73
N ILE A 194 -13.48 -5.71 -12.12
CA ILE A 194 -13.48 -4.31 -11.76
C ILE A 194 -12.74 -4.08 -10.46
N ALA A 195 -12.88 -5.01 -9.53
CA ALA A 195 -12.05 -5.00 -8.35
C ALA A 195 -10.58 -5.26 -8.64
N ASP A 196 -10.28 -6.28 -9.43
CA ASP A 196 -8.90 -6.54 -9.84
C ASP A 196 -8.35 -5.39 -10.68
N THR A 197 -9.22 -4.81 -11.47
CA THR A 197 -8.88 -3.73 -12.37
C THR A 197 -8.36 -2.58 -11.55
N PHE A 198 -9.03 -2.30 -10.45
CA PHE A 198 -8.68 -1.20 -9.56
C PHE A 198 -7.32 -1.35 -8.91
N ARG A 199 -7.07 -2.51 -8.32
CA ARG A 199 -5.79 -2.88 -7.77
C ARG A 199 -4.73 -3.03 -8.84
N LEU A 200 -5.14 -3.43 -10.03
CA LEU A 200 -4.24 -3.43 -11.17
C LEU A 200 -3.80 -2.02 -11.55
N LYS A 201 -4.77 -1.12 -11.62
CA LYS A 201 -4.53 0.29 -11.86
C LYS A 201 -3.85 1.02 -10.71
N ARG A 202 -3.99 0.50 -9.50
CA ARG A 202 -3.60 1.16 -8.27
C ARG A 202 -4.38 2.43 -8.03
N ILE A 203 -5.65 2.37 -8.33
CA ILE A 203 -6.53 3.46 -7.99
C ILE A 203 -7.24 3.06 -6.74
N PRO A 204 -7.05 3.77 -5.63
CA PRO A 204 -7.66 3.32 -4.39
C PRO A 204 -9.17 3.23 -4.45
N CYS A 205 -9.68 2.07 -4.09
CA CYS A 205 -11.09 1.85 -4.01
C CYS A 205 -11.31 1.13 -2.71
N ASP A 206 -12.53 1.12 -2.25
CA ASP A 206 -12.84 0.43 -1.03
C ASP A 206 -13.98 -0.57 -1.08
N VAL A 207 -15.07 -0.09 -1.63
CA VAL A 207 -16.34 -0.76 -1.63
C VAL A 207 -16.83 -0.79 -3.05
N ILE A 208 -17.42 -1.92 -3.44
CA ILE A 208 -18.05 -2.10 -4.74
C ILE A 208 -19.54 -2.39 -4.56
N TRP A 209 -20.38 -1.52 -5.10
CA TRP A 209 -21.83 -1.65 -5.03
C TRP A 209 -22.36 -2.51 -6.15
N MET A 210 -23.31 -3.38 -5.87
CA MET A 210 -23.83 -4.27 -6.90
C MET A 210 -25.19 -3.82 -7.28
N ASP A 211 -25.30 -3.40 -8.53
CA ASP A 211 -26.34 -2.49 -8.95
C ASP A 211 -27.54 -3.13 -9.62
N ILE A 212 -28.63 -3.18 -8.88
CA ILE A 212 -29.94 -3.37 -9.47
C ILE A 212 -30.21 -4.78 -9.95
N ASP A 213 -29.38 -5.23 -10.87
CA ASP A 213 -29.54 -6.51 -11.54
C ASP A 213 -29.41 -7.76 -10.70
N TYR A 214 -28.71 -7.68 -9.61
CA TYR A 214 -28.38 -8.88 -8.88
C TYR A 214 -29.64 -9.60 -8.44
N MET A 215 -30.75 -8.89 -8.40
CA MET A 215 -32.04 -9.49 -8.08
C MET A 215 -32.51 -10.41 -9.20
N ASP A 216 -33.27 -11.44 -8.83
CA ASP A 216 -33.78 -12.42 -9.80
C ASP A 216 -34.79 -11.89 -10.84
N GLY A 217 -35.80 -11.18 -10.39
CA GLY A 217 -36.73 -10.58 -11.31
C GLY A 217 -36.92 -9.14 -10.93
N TYR A 218 -35.88 -8.57 -10.33
CA TYR A 218 -35.98 -7.41 -9.47
C TYR A 218 -36.90 -7.72 -8.31
N ARG A 219 -36.84 -8.97 -7.85
CA ARG A 219 -37.57 -9.38 -6.66
C ARG A 219 -36.63 -9.28 -5.47
N ILE A 220 -36.89 -8.33 -4.57
CA ILE A 220 -35.93 -8.01 -3.55
C ILE A 220 -35.58 -9.24 -2.74
N PHE A 221 -34.40 -9.23 -2.16
CA PHE A 221 -34.01 -10.33 -1.32
C PHE A 221 -34.03 -11.63 -2.09
N THR A 222 -33.62 -11.57 -3.35
CA THR A 222 -33.59 -12.75 -4.20
C THR A 222 -32.62 -12.59 -5.37
N PHE A 223 -31.36 -12.93 -5.14
CA PHE A 223 -30.34 -12.86 -6.18
C PHE A 223 -30.84 -13.55 -7.44
N ASN A 224 -30.10 -13.39 -8.54
CA ASN A 224 -30.49 -14.00 -9.79
C ASN A 224 -29.77 -15.33 -9.91
N PRO A 225 -30.50 -16.39 -10.21
CA PRO A 225 -29.91 -17.73 -10.25
C PRO A 225 -29.11 -18.12 -11.48
N LYS A 226 -28.90 -17.20 -12.42
CA LYS A 226 -27.79 -17.27 -13.35
C LYS A 226 -26.96 -16.03 -13.18
N SER A 227 -27.43 -15.14 -12.31
CA SER A 227 -26.63 -14.03 -11.85
C SER A 227 -25.68 -14.57 -10.79
N PHE A 228 -25.32 -15.84 -10.94
CA PHE A 228 -24.49 -16.56 -9.99
C PHE A 228 -25.31 -17.04 -8.80
N PRO A 229 -26.12 -18.05 -9.08
CA PRO A 229 -26.85 -18.66 -7.97
C PRO A 229 -25.88 -18.86 -6.82
N ASN A 230 -24.69 -18.33 -6.96
CA ASN A 230 -23.69 -18.52 -6.02
C ASN A 230 -23.54 -17.14 -5.52
N PRO A 231 -24.62 -16.62 -4.95
CA PRO A 231 -24.64 -15.27 -4.37
C PRO A 231 -24.54 -15.35 -2.87
N LYS A 232 -24.21 -16.54 -2.36
CA LYS A 232 -24.01 -16.74 -0.93
C LYS A 232 -22.74 -16.02 -0.49
N ALA A 233 -22.31 -15.05 -1.30
CA ALA A 233 -21.14 -14.26 -0.98
C ALA A 233 -19.85 -14.92 -1.47
N VAL A 234 -19.91 -15.55 -2.64
CA VAL A 234 -18.71 -16.12 -3.26
C VAL A 234 -17.64 -15.06 -3.26
N ASN A 235 -18.06 -13.84 -2.96
CA ASN A 235 -17.18 -12.69 -2.81
C ASN A 235 -16.57 -12.61 -1.42
N ARG A 236 -15.82 -13.66 -1.12
CA ARG A 236 -14.66 -13.57 -0.28
C ARG A 236 -13.74 -12.73 -1.16
N ASP A 237 -13.96 -12.81 -2.47
CA ASP A 237 -13.17 -12.03 -3.40
C ASP A 237 -13.19 -10.57 -3.06
N LEU A 238 -14.36 -10.02 -2.80
CA LEU A 238 -14.41 -8.64 -2.46
C LEU A 238 -13.81 -8.33 -1.10
N HIS A 239 -13.88 -9.27 -0.18
CA HIS A 239 -13.14 -9.26 1.09
C HIS A 239 -11.64 -9.59 1.11
N ILE A 240 -11.22 -10.58 0.34
CA ILE A 240 -9.81 -10.88 0.15
C ILE A 240 -9.05 -9.77 -0.54
N ARG A 241 -9.71 -9.09 -1.45
CA ARG A 241 -9.12 -8.13 -2.34
C ARG A 241 -9.13 -6.78 -1.71
N GLY A 242 -9.27 -6.73 -0.41
CA GLY A 242 -9.51 -5.50 0.32
C GLY A 242 -10.74 -4.73 -0.07
N PHE A 243 -11.88 -5.38 0.03
CA PHE A 243 -13.14 -4.76 -0.33
C PHE A 243 -14.24 -5.05 0.68
N HIS A 244 -15.28 -4.23 0.62
CA HIS A 244 -16.53 -4.43 1.33
C HIS A 244 -17.73 -4.27 0.39
N SER A 245 -18.65 -5.23 0.43
CA SER A 245 -19.84 -5.27 -0.39
C SER A 245 -20.87 -4.18 -0.08
N ALA A 246 -21.52 -3.65 -1.11
CA ALA A 246 -22.70 -2.80 -0.95
C ALA A 246 -23.87 -3.18 -1.85
N TRP A 247 -25.02 -3.48 -1.29
CA TRP A 247 -26.17 -3.97 -2.06
C TRP A 247 -27.46 -3.14 -2.00
N MET A 248 -28.09 -2.95 -3.14
CA MET A 248 -29.31 -2.19 -3.25
C MET A 248 -30.51 -2.92 -2.67
N ILE A 249 -31.41 -2.16 -2.09
CA ILE A 249 -32.67 -2.70 -1.62
C ILE A 249 -33.81 -1.74 -1.95
N ASP A 250 -35.00 -2.29 -2.08
CA ASP A 250 -36.16 -1.53 -2.48
C ASP A 250 -37.34 -1.86 -1.62
N PRO A 251 -38.37 -1.03 -1.67
CA PRO A 251 -39.58 -1.26 -0.88
C PRO A 251 -40.69 -1.86 -1.73
N GLY A 252 -40.37 -2.31 -2.93
CA GLY A 252 -41.36 -2.89 -3.81
C GLY A 252 -41.23 -4.38 -3.93
N ALA A 253 -42.34 -5.09 -3.74
CA ALA A 253 -42.34 -6.52 -3.91
C ALA A 253 -43.26 -6.88 -5.05
N LYS A 254 -42.76 -7.60 -6.04
CA LYS A 254 -43.56 -7.94 -7.19
C LYS A 254 -44.57 -9.00 -6.86
N VAL A 255 -45.66 -9.02 -7.62
CA VAL A 255 -46.76 -9.91 -7.31
C VAL A 255 -46.49 -11.27 -7.88
N ASP A 256 -45.92 -12.11 -7.05
CA ASP A 256 -45.80 -13.50 -7.41
C ASP A 256 -46.04 -14.28 -6.13
N PRO A 257 -46.75 -15.40 -6.25
CA PRO A 257 -47.00 -16.27 -5.11
C PRO A 257 -45.93 -17.34 -5.00
N ASN A 258 -45.01 -17.27 -5.94
CA ASN A 258 -43.91 -18.19 -6.07
C ASN A 258 -42.61 -17.47 -5.70
N TYR A 259 -42.76 -16.47 -4.85
CA TYR A 259 -41.68 -15.64 -4.35
C TYR A 259 -41.01 -16.37 -3.21
N PHE A 260 -40.10 -15.72 -2.47
CA PHE A 260 -39.89 -16.03 -1.04
C PHE A 260 -39.63 -14.89 -0.04
N VAL A 261 -40.32 -13.78 -0.29
CA VAL A 261 -40.35 -12.64 0.61
C VAL A 261 -41.78 -12.25 0.92
N TYR A 262 -42.47 -11.84 -0.14
CA TYR A 262 -43.67 -11.10 0.01
C TYR A 262 -44.56 -12.05 0.76
N LYS A 263 -44.88 -11.68 1.98
CA LYS A 263 -45.74 -12.51 2.78
C LYS A 263 -46.97 -11.68 2.94
N SER A 264 -48.06 -12.26 2.45
CA SER A 264 -49.40 -11.70 2.50
C SER A 264 -50.17 -12.32 3.65
N GLY A 265 -49.52 -13.20 4.40
CA GLY A 265 -49.87 -13.41 5.77
C GLY A 265 -49.08 -12.27 6.34
N THR A 266 -49.42 -11.11 5.82
CA THR A 266 -48.64 -9.94 6.02
C THR A 266 -49.55 -8.91 6.61
N GLU A 267 -50.20 -8.22 5.69
CA GLU A 267 -50.99 -7.09 6.01
C GLU A 267 -50.18 -5.83 5.77
N ASN A 268 -48.88 -5.97 5.69
CA ASN A 268 -48.00 -4.82 5.73
C ASN A 268 -48.26 -3.86 4.59
N ASP A 269 -48.71 -4.39 3.47
CA ASP A 269 -48.86 -3.55 2.32
C ASP A 269 -49.86 -2.46 2.65
N VAL A 270 -49.45 -1.22 2.45
CA VAL A 270 -50.29 -0.13 2.88
C VAL A 270 -51.59 -0.31 2.12
N TRP A 271 -52.69 -0.19 2.84
CA TRP A 271 -53.99 -0.16 2.24
C TRP A 271 -54.15 1.17 1.56
N VAL A 272 -54.86 1.17 0.44
CA VAL A 272 -55.09 2.40 -0.32
C VAL A 272 -56.48 2.97 -0.04
N LYS A 273 -56.60 4.29 -0.11
CA LYS A 273 -57.87 4.95 0.13
C LYS A 273 -58.36 4.76 1.55
N THR A 274 -59.10 5.74 2.06
CA THR A 274 -59.64 5.67 3.40
C THR A 274 -60.33 4.35 3.69
N ALA A 275 -59.56 3.27 3.62
CA ALA A 275 -60.10 1.94 3.86
C ALA A 275 -60.18 1.10 2.61
N ASP A 276 -61.00 1.54 1.66
CA ASP A 276 -61.16 0.82 0.40
C ASP A 276 -61.28 -0.68 0.59
N GLY A 277 -60.26 -1.27 1.23
CA GLY A 277 -60.26 -2.70 1.47
C GLY A 277 -59.32 -3.44 0.54
N LYS A 278 -58.04 -3.06 0.57
CA LYS A 278 -57.04 -3.69 -0.25
C LYS A 278 -55.90 -2.78 -0.61
N ASN A 279 -54.79 -3.46 -0.91
CA ASN A 279 -53.45 -2.93 -1.00
C ASN A 279 -53.19 -2.09 -2.23
N PHE A 280 -52.19 -1.25 -2.15
CA PHE A 280 -51.86 -0.36 -3.24
C PHE A 280 -50.81 -1.04 -4.11
N HIS A 281 -51.15 -1.33 -5.36
CA HIS A 281 -50.18 -1.80 -6.32
C HIS A 281 -49.71 -0.62 -7.14
N GLY A 282 -48.46 -0.24 -6.95
CA GLY A 282 -47.80 0.83 -7.68
C GLY A 282 -47.07 0.23 -8.84
N ASP A 283 -46.22 0.98 -9.50
CA ASP A 283 -45.34 0.41 -10.49
C ASP A 283 -43.94 0.86 -10.20
N ALA A 284 -43.08 -0.07 -9.77
CA ALA A 284 -41.70 0.23 -9.43
C ALA A 284 -40.75 -0.39 -10.43
N TRP A 285 -39.65 -0.93 -9.96
CA TRP A 285 -38.72 -1.68 -10.79
C TRP A 285 -39.24 -3.01 -11.35
N PRO A 286 -40.05 -3.73 -10.59
CA PRO A 286 -40.61 -4.99 -11.08
C PRO A 286 -41.97 -4.76 -11.66
N GLY A 287 -42.36 -3.50 -11.78
CA GLY A 287 -43.71 -3.17 -12.15
C GLY A 287 -44.67 -3.31 -10.99
N ALA A 288 -45.58 -4.27 -11.07
CA ALA A 288 -46.72 -4.33 -10.20
C ALA A 288 -46.21 -4.92 -8.91
N ALA A 289 -45.38 -4.13 -8.23
CA ALA A 289 -44.91 -4.47 -6.89
C ALA A 289 -45.80 -3.89 -5.80
N ALA A 290 -45.68 -4.44 -4.58
CA ALA A 290 -46.45 -3.98 -3.41
C ALA A 290 -45.57 -3.55 -2.24
N PHE A 291 -46.11 -2.71 -1.39
CA PHE A 291 -45.31 -1.91 -0.47
C PHE A 291 -45.54 -2.09 1.03
N PRO A 292 -44.48 -2.19 1.82
CA PRO A 292 -44.66 -2.30 3.26
C PRO A 292 -45.20 -1.03 3.90
N ASP A 293 -45.95 -1.19 4.97
CA ASP A 293 -46.52 -0.08 5.61
C ASP A 293 -45.68 0.06 6.85
N PHE A 294 -44.93 1.16 6.89
CA PHE A 294 -44.13 1.48 8.04
C PHE A 294 -44.99 2.36 8.95
N THR A 295 -46.28 2.10 8.83
CA THR A 295 -47.30 2.71 9.61
C THR A 295 -47.10 2.38 11.06
N SER A 296 -47.06 1.08 11.32
CA SER A 296 -46.97 0.57 12.68
C SER A 296 -46.00 -0.61 12.73
N PRO A 297 -45.54 -0.97 13.92
CA PRO A 297 -44.36 -1.83 14.08
C PRO A 297 -44.52 -3.26 13.59
N LYS A 298 -45.71 -3.67 13.23
CA LYS A 298 -45.89 -5.04 12.78
C LYS A 298 -45.13 -5.28 11.50
N VAL A 299 -45.20 -4.31 10.62
CA VAL A 299 -44.47 -4.32 9.37
C VAL A 299 -42.96 -4.22 9.53
N ASN A 300 -42.50 -3.39 10.46
CA ASN A 300 -41.07 -3.21 10.72
C ASN A 300 -40.35 -4.43 11.27
N LYS A 301 -41.01 -5.14 12.17
CA LYS A 301 -40.47 -6.34 12.78
C LYS A 301 -40.27 -7.37 11.71
N TRP A 302 -41.23 -7.39 10.81
CA TRP A 302 -41.24 -8.26 9.65
C TRP A 302 -40.13 -7.93 8.64
N TRP A 303 -39.87 -6.64 8.43
CA TRP A 303 -38.85 -6.18 7.49
C TRP A 303 -37.40 -6.54 7.83
N ARG A 304 -37.04 -6.54 9.10
CA ARG A 304 -35.65 -6.81 9.44
C ARG A 304 -35.32 -8.29 9.56
N ASN A 305 -35.20 -8.98 8.44
CA ASN A 305 -35.24 -10.44 8.43
C ASN A 305 -33.95 -11.25 8.62
N LEU A 306 -32.86 -10.64 9.05
CA LEU A 306 -31.60 -11.39 9.17
C LEU A 306 -31.06 -11.67 7.78
N TYR A 307 -31.43 -10.76 6.89
CA TYR A 307 -31.29 -10.90 5.46
C TYR A 307 -29.90 -11.00 4.82
N LYS A 308 -28.96 -10.21 5.33
CA LYS A 308 -27.65 -10.08 4.72
C LYS A 308 -26.71 -11.20 5.05
N ASP A 309 -27.13 -12.08 5.94
CA ASP A 309 -26.37 -13.27 6.23
C ASP A 309 -26.64 -14.62 5.58
N PHE A 310 -27.10 -14.54 4.32
CA PHE A 310 -27.88 -15.51 3.50
C PHE A 310 -27.23 -15.90 2.19
N LEU A 311 -26.80 -14.86 1.60
CA LEU A 311 -25.98 -14.77 0.41
C LEU A 311 -24.51 -14.64 0.81
N ALA A 312 -24.27 -13.90 1.89
CA ALA A 312 -22.93 -13.73 2.42
C ALA A 312 -22.61 -14.87 3.40
N GLN A 313 -22.18 -14.50 4.60
CA GLN A 313 -21.97 -13.10 4.96
C GLN A 313 -21.09 -12.36 3.96
N GLY A 314 -21.72 -11.57 3.11
CA GLY A 314 -20.97 -10.79 2.16
C GLY A 314 -21.72 -9.57 1.79
N VAL A 315 -22.89 -9.38 2.40
CA VAL A 315 -23.60 -8.13 2.24
C VAL A 315 -23.12 -7.25 3.39
N ASP A 316 -22.36 -6.24 3.07
CA ASP A 316 -21.79 -5.42 4.10
C ASP A 316 -22.62 -4.19 4.35
N GLY A 317 -22.90 -3.45 3.29
CA GLY A 317 -23.67 -2.24 3.38
C GLY A 317 -24.89 -2.37 2.50
N VAL A 318 -25.94 -1.65 2.83
CA VAL A 318 -27.10 -1.67 2.00
C VAL A 318 -27.54 -0.26 1.71
N TRP A 319 -28.05 -0.05 0.52
CA TRP A 319 -28.65 1.22 0.19
C TRP A 319 -30.13 1.12 -0.16
N ASN A 320 -30.96 1.99 0.37
CA ASN A 320 -32.37 1.99 0.03
C ASN A 320 -32.65 3.08 -1.00
N ASP A 321 -33.30 2.71 -2.09
CA ASP A 321 -33.40 3.54 -3.27
C ASP A 321 -34.77 3.43 -3.86
N VAL A 322 -35.23 4.48 -4.52
CA VAL A 322 -36.53 4.49 -5.15
C VAL A 322 -37.65 4.25 -4.14
N ASN A 323 -37.40 4.72 -2.93
CA ASN A 323 -38.15 4.44 -1.73
C ASN A 323 -38.84 5.67 -1.22
N GLU A 324 -39.21 6.55 -2.12
CA GLU A 324 -39.95 7.75 -1.77
C GLU A 324 -41.38 7.59 -1.20
N PRO A 325 -42.14 6.59 -1.64
CA PRO A 325 -41.71 5.66 -2.68
C PRO A 325 -41.99 6.23 -4.05
N GLN A 326 -41.46 5.60 -5.10
CA GLN A 326 -41.69 6.06 -6.47
C GLN A 326 -42.54 5.08 -7.27
N ILE A 327 -43.55 5.60 -7.98
CA ILE A 327 -44.38 4.77 -8.80
C ILE A 327 -44.12 5.16 -10.23
N ASN A 328 -43.85 4.20 -11.08
CA ASN A 328 -43.64 4.47 -12.48
C ASN A 328 -44.88 4.98 -13.20
N ASP A 329 -46.07 4.47 -12.87
CA ASP A 329 -47.29 4.97 -13.51
C ASP A 329 -48.54 5.22 -12.64
N THR A 330 -49.43 6.04 -13.19
CA THR A 330 -50.57 6.71 -12.52
C THR A 330 -49.99 8.02 -11.99
N PRO A 331 -50.84 8.91 -11.52
CA PRO A 331 -50.67 10.36 -11.65
C PRO A 331 -49.77 11.07 -10.65
N ASN A 332 -48.58 11.37 -11.17
CA ASN A 332 -47.39 11.91 -10.51
C ASN A 332 -46.62 11.19 -9.39
N LYS A 333 -46.52 9.87 -9.47
CA LYS A 333 -45.49 9.09 -8.77
C LYS A 333 -45.72 8.62 -7.35
N THR A 334 -46.88 8.94 -6.79
CA THR A 334 -47.16 8.76 -5.37
C THR A 334 -47.78 7.40 -5.04
N MET A 335 -48.50 7.39 -3.92
CA MET A 335 -49.48 6.38 -3.60
C MET A 335 -50.78 7.00 -3.06
N PRO A 336 -51.86 6.24 -2.97
CA PRO A 336 -52.99 6.65 -2.13
C PRO A 336 -53.01 5.77 -0.90
N GLU A 337 -53.04 6.33 0.28
CA GLU A 337 -54.14 6.83 1.05
C GLU A 337 -54.96 8.02 0.47
N ASP A 338 -54.29 8.99 -0.13
CA ASP A 338 -54.94 10.24 -0.49
C ASP A 338 -56.14 10.21 -1.42
N TYR A 355 -49.09 10.31 6.06
CA TYR A 355 -48.32 11.46 5.67
C TYR A 355 -47.06 10.93 5.04
N HIS A 356 -46.74 11.47 3.86
CA HIS A 356 -45.73 10.99 2.90
C HIS A 356 -44.26 10.95 3.31
N ASN A 357 -43.74 12.03 3.87
CA ASN A 357 -42.31 12.35 3.84
C ASN A 357 -41.36 11.56 4.73
N VAL A 358 -41.91 10.60 5.45
CA VAL A 358 -41.14 9.74 6.33
C VAL A 358 -41.18 8.27 5.98
N TYR A 359 -41.64 7.94 4.78
CA TYR A 359 -41.65 6.55 4.33
C TYR A 359 -40.26 5.95 4.11
N GLY A 360 -39.41 6.67 3.41
CA GLY A 360 -38.01 6.35 3.34
C GLY A 360 -37.33 6.48 4.69
N PHE A 361 -37.75 7.48 5.46
CA PHE A 361 -37.20 7.71 6.76
C PHE A 361 -37.45 6.49 7.59
N LEU A 362 -38.66 5.98 7.53
CA LEU A 362 -38.98 4.79 8.30
C LEU A 362 -38.69 3.47 7.63
N MET A 363 -38.48 3.47 6.33
CA MET A 363 -37.99 2.27 5.69
C MET A 363 -36.60 1.95 6.15
N VAL A 364 -35.77 2.97 6.13
CA VAL A 364 -34.36 2.88 6.42
C VAL A 364 -34.02 2.65 7.91
N LYS A 365 -34.92 3.03 8.82
CA LYS A 365 -34.70 2.83 10.24
C LYS A 365 -34.80 1.34 10.53
N ALA A 366 -35.69 0.68 9.80
CA ALA A 366 -35.90 -0.74 9.87
C ALA A 366 -34.72 -1.55 9.32
N SER A 367 -34.11 -1.08 8.26
CA SER A 367 -32.94 -1.75 7.77
C SER A 367 -31.82 -1.71 8.78
N ARG A 368 -31.52 -0.53 9.31
CA ARG A 368 -30.48 -0.38 10.30
C ARG A 368 -30.88 -1.21 11.49
N GLU A 369 -32.18 -1.23 11.79
CA GLU A 369 -32.71 -2.06 12.86
C GLU A 369 -32.54 -3.57 12.63
N GLY A 370 -32.75 -4.00 11.40
CA GLY A 370 -32.45 -5.37 10.98
C GLY A 370 -31.02 -5.81 10.90
N ILE A 371 -30.13 -4.99 10.36
CA ILE A 371 -28.70 -5.32 10.23
C ILE A 371 -28.13 -5.49 11.64
N LEU A 372 -28.63 -4.69 12.57
CA LEU A 372 -28.28 -4.78 13.97
C LEU A 372 -28.75 -6.07 14.60
N ASP A 373 -29.97 -6.50 14.27
CA ASP A 373 -30.48 -7.78 14.73
C ASP A 373 -29.72 -8.97 14.14
N ALA A 374 -29.51 -8.93 12.84
CA ALA A 374 -28.73 -9.94 12.16
C ALA A 374 -27.28 -9.99 12.59
N ARG A 375 -26.63 -8.85 12.67
CA ARG A 375 -25.27 -8.84 13.14
C ARG A 375 -25.06 -7.91 14.31
N PRO A 376 -25.07 -8.41 15.53
CA PRO A 376 -24.82 -7.48 16.61
C PRO A 376 -23.38 -7.03 16.57
N GLU A 377 -23.30 -5.76 16.24
CA GLU A 377 -22.10 -4.93 16.20
C GLU A 377 -20.80 -5.25 15.46
N LYS A 378 -20.91 -5.32 14.15
CA LYS A 378 -20.35 -4.43 13.19
C LYS A 378 -21.19 -3.16 13.19
N ARG A 379 -20.55 -2.02 13.03
CA ARG A 379 -21.28 -0.77 12.89
C ARG A 379 -21.96 -0.78 11.56
N PRO A 380 -23.25 -0.48 11.51
CA PRO A 380 -23.97 -0.46 10.23
C PRO A 380 -23.67 0.73 9.32
N PHE A 381 -23.72 0.49 8.02
CA PHE A 381 -23.42 1.49 7.03
C PHE A 381 -24.53 1.59 5.99
N ILE A 382 -25.66 2.19 6.35
CA ILE A 382 -26.86 2.19 5.53
C ILE A 382 -27.19 3.56 4.91
N LEU A 383 -27.63 3.53 3.66
CA LEU A 383 -27.90 4.75 2.90
C LEU A 383 -29.26 4.78 2.20
N THR A 384 -29.86 5.95 2.16
CA THR A 384 -31.19 6.13 1.57
C THR A 384 -31.30 7.36 0.67
N ARG A 385 -31.95 7.19 -0.47
CA ARG A 385 -32.20 8.29 -1.38
C ARG A 385 -33.12 9.34 -0.76
N SER A 386 -34.21 8.87 -0.18
CA SER A 386 -35.23 9.75 0.40
C SER A 386 -35.24 9.62 1.91
N ASN A 387 -35.41 10.72 2.60
CA ASN A 387 -35.31 10.75 4.03
C ASN A 387 -36.09 11.85 4.66
N PHE A 388 -35.67 12.24 5.84
CA PHE A 388 -36.29 13.28 6.64
C PHE A 388 -35.30 13.81 7.67
N LEU A 389 -35.71 14.87 8.36
CA LEU A 389 -34.86 15.77 9.10
C LEU A 389 -34.10 15.10 10.23
N GLY A 390 -34.66 14.10 10.86
CA GLY A 390 -33.94 13.36 11.86
C GLY A 390 -33.34 12.09 11.31
N GLY A 391 -33.50 11.93 10.01
CA GLY A 391 -33.23 10.69 9.31
C GLY A 391 -31.80 10.20 9.31
N GLN A 392 -30.89 11.13 9.57
CA GLN A 392 -29.45 10.89 9.58
C GLN A 392 -29.06 10.06 10.80
N ARG A 393 -30.02 9.86 11.69
CA ARG A 393 -29.82 9.01 12.86
C ARG A 393 -29.72 7.55 12.42
N TYR A 394 -30.33 7.25 11.27
CA TYR A 394 -30.28 5.91 10.73
C TYR A 394 -29.66 5.78 9.33
N ALA A 395 -29.46 6.89 8.64
CA ALA A 395 -29.09 6.86 7.24
C ALA A 395 -28.34 8.05 6.73
N ALA A 396 -27.78 7.87 5.54
CA ALA A 396 -27.03 8.88 4.83
C ALA A 396 -27.30 9.06 3.34
N THR A 397 -28.43 9.63 2.99
CA THR A 397 -28.53 10.44 1.80
C THR A 397 -28.03 9.77 0.52
N TRP A 398 -26.82 10.14 0.15
CA TRP A 398 -26.12 9.73 -1.07
C TRP A 398 -26.37 10.59 -2.30
N THR A 399 -27.31 11.52 -2.16
CA THR A 399 -27.55 12.64 -3.09
C THR A 399 -27.72 12.39 -4.57
N GLY A 400 -28.85 11.74 -4.83
CA GLY A 400 -29.68 11.95 -5.98
C GLY A 400 -29.02 11.59 -7.26
N ASP A 401 -29.64 10.70 -8.03
CA ASP A 401 -29.03 10.27 -9.28
C ASP A 401 -28.90 11.51 -10.14
N ASN A 402 -27.69 11.69 -10.65
CA ASN A 402 -27.17 12.92 -11.18
C ASN A 402 -27.45 13.16 -12.67
N GLY A 403 -26.72 14.10 -13.23
CA GLY A 403 -26.64 14.29 -14.64
C GLY A 403 -25.17 14.47 -14.79
N SER A 404 -24.60 14.13 -15.93
CA SER A 404 -23.16 14.29 -16.14
C SER A 404 -22.86 15.64 -16.77
N CYS A 405 -23.91 16.46 -16.80
CA CYS A 405 -24.07 17.69 -17.59
C CYS A 405 -23.10 18.85 -17.38
N TRP A 406 -22.68 19.07 -16.13
CA TRP A 406 -21.76 20.12 -15.66
C TRP A 406 -22.37 21.18 -14.79
N ASP A 407 -23.63 21.47 -14.97
CA ASP A 407 -24.35 22.27 -13.99
C ASP A 407 -24.51 21.52 -12.67
N HIS A 408 -24.68 20.21 -12.80
CA HIS A 408 -24.69 19.24 -11.71
C HIS A 408 -23.35 19.05 -10.97
N LEU A 409 -22.26 19.19 -11.68
CA LEU A 409 -20.97 19.06 -11.05
C LEU A 409 -20.68 20.16 -10.04
N LYS A 410 -20.92 21.39 -10.41
CA LYS A 410 -20.77 22.48 -9.48
C LYS A 410 -21.80 22.44 -8.38
N MET A 411 -23.01 22.14 -8.77
CA MET A 411 -24.16 22.19 -7.90
C MET A 411 -24.02 21.23 -6.76
N SER A 412 -23.16 20.25 -6.94
CA SER A 412 -22.94 19.28 -5.91
C SER A 412 -22.37 19.96 -4.70
N VAL A 413 -21.51 20.92 -4.94
CA VAL A 413 -20.86 21.64 -3.86
C VAL A 413 -21.83 22.44 -3.03
N PRO A 414 -22.70 23.17 -3.67
CA PRO A 414 -23.83 23.75 -2.96
C PRO A 414 -24.83 22.74 -2.39
N MET A 415 -25.21 21.71 -3.14
CA MET A 415 -26.22 20.77 -2.71
C MET A 415 -25.79 20.06 -1.44
N SER A 416 -24.51 19.74 -1.38
CA SER A 416 -23.98 18.99 -0.27
C SER A 416 -23.53 19.83 0.91
N LEU A 417 -23.37 21.11 0.71
CA LEU A 417 -23.17 22.01 1.84
C LEU A 417 -24.39 22.09 2.71
N THR A 418 -25.53 22.28 2.07
CA THR A 418 -26.84 22.48 2.70
C THR A 418 -27.25 21.27 3.51
N LEU A 419 -26.91 20.10 3.02
CA LEU A 419 -27.24 18.87 3.70
C LEU A 419 -26.60 18.77 5.05
N GLY A 420 -25.38 19.27 5.18
CA GLY A 420 -24.73 19.42 6.46
C GLY A 420 -25.36 20.41 7.40
N LEU A 421 -25.82 21.50 6.82
CA LEU A 421 -26.55 22.55 7.52
C LEU A 421 -28.02 22.18 7.73
N SER A 422 -28.45 21.14 7.04
CA SER A 422 -29.73 20.52 7.23
C SER A 422 -29.55 19.27 8.11
N GLY A 423 -28.42 19.20 8.78
CA GLY A 423 -28.10 18.17 9.75
C GLY A 423 -27.38 16.91 9.30
N GLN A 424 -27.22 16.72 8.00
CA GLN A 424 -26.70 15.49 7.43
C GLN A 424 -25.22 15.54 7.15
N PRO A 425 -24.42 14.95 8.00
CA PRO A 425 -22.97 15.02 7.78
C PRO A 425 -22.48 14.28 6.53
N PHE A 426 -23.03 13.11 6.25
CA PHE A 426 -22.54 12.29 5.18
C PHE A 426 -23.44 12.33 3.97
N SER A 427 -23.07 13.18 3.04
CA SER A 427 -23.73 13.25 1.76
C SER A 427 -22.65 13.24 0.69
N GLY A 428 -22.95 12.65 -0.44
CA GLY A 428 -22.05 12.76 -1.56
C GLY A 428 -22.80 12.88 -2.86
N ALA A 429 -22.20 13.49 -3.85
CA ALA A 429 -22.73 13.46 -5.19
C ALA A 429 -21.85 12.56 -6.02
N ASP A 430 -22.49 11.75 -6.86
CA ASP A 430 -21.79 10.91 -7.82
C ASP A 430 -21.02 11.70 -8.84
N ILE A 431 -19.82 11.23 -9.18
CA ILE A 431 -18.90 11.98 -10.01
C ILE A 431 -19.26 11.86 -11.49
N GLY A 432 -20.52 12.09 -11.78
CA GLY A 432 -21.11 11.83 -13.09
C GLY A 432 -22.60 11.75 -12.90
N GLY A 433 -23.16 10.57 -12.66
CA GLY A 433 -24.57 10.46 -12.37
C GLY A 433 -25.31 9.36 -13.09
N PHE A 434 -26.62 9.52 -13.19
CA PHE A 434 -27.44 8.83 -14.17
C PHE A 434 -28.00 9.88 -15.12
N LEU A 435 -27.78 9.67 -16.39
CA LEU A 435 -28.27 10.60 -17.38
C LEU A 435 -27.14 10.70 -18.33
N PHE A 436 -25.99 11.01 -17.78
CA PHE A 436 -24.71 10.65 -18.35
C PHE A 436 -24.51 11.07 -19.81
N ASN A 437 -23.89 10.17 -20.55
CA ASN A 437 -22.63 10.26 -21.21
C ASN A 437 -21.77 11.36 -20.66
N ALA A 438 -20.52 11.02 -20.37
CA ALA A 438 -19.56 11.97 -19.87
C ALA A 438 -18.26 11.88 -20.65
N ASP A 439 -17.71 13.01 -21.06
CA ASP A 439 -16.37 13.04 -21.62
C ASP A 439 -15.33 13.06 -20.52
N ALA A 440 -14.08 13.01 -20.92
CA ALA A 440 -13.00 13.02 -19.99
C ALA A 440 -13.06 14.29 -19.23
N ASP A 441 -13.33 15.35 -19.96
CA ASP A 441 -13.22 16.67 -19.40
C ASP A 441 -14.17 16.88 -18.26
N LEU A 442 -15.40 16.39 -18.39
CA LEU A 442 -16.31 16.44 -17.26
C LEU A 442 -15.90 15.60 -16.05
N PHE A 443 -15.63 14.32 -16.25
CA PHE A 443 -15.30 13.44 -15.13
C PHE A 443 -14.02 13.88 -14.44
N GLY A 444 -13.03 14.24 -15.21
CA GLY A 444 -11.75 14.58 -14.64
C GLY A 444 -11.87 15.74 -13.70
N ASN A 445 -12.65 16.71 -14.09
CA ASN A 445 -12.96 17.78 -13.20
C ASN A 445 -13.79 17.29 -12.06
N TRP A 446 -14.65 16.34 -12.36
CA TRP A 446 -15.54 15.83 -11.33
C TRP A 446 -14.85 15.12 -10.20
N ILE A 447 -13.94 14.25 -10.56
CA ILE A 447 -13.16 13.54 -9.58
C ILE A 447 -12.21 14.39 -8.75
N GLY A 448 -11.75 15.50 -9.30
CA GLY A 448 -10.82 16.36 -8.62
C GLY A 448 -11.25 16.98 -7.30
N PHE A 449 -12.49 17.39 -7.19
CA PHE A 449 -12.99 17.89 -5.93
C PHE A 449 -13.97 16.92 -5.27
N GLY A 450 -14.57 16.04 -6.06
CA GLY A 450 -15.43 14.96 -5.59
C GLY A 450 -14.71 13.94 -4.74
N ALA A 451 -13.40 13.91 -4.89
CA ALA A 451 -12.54 13.09 -4.06
C ALA A 451 -12.48 13.63 -2.64
N PHE A 452 -13.06 14.82 -2.42
CA PHE A 452 -13.16 15.40 -1.10
C PHE A 452 -14.59 15.54 -0.58
N TYR A 453 -15.55 14.88 -1.21
CA TYR A 453 -16.91 14.84 -0.67
C TYR A 453 -16.83 14.01 0.58
N PRO A 454 -17.76 14.17 1.50
CA PRO A 454 -17.74 13.35 2.70
C PRO A 454 -17.92 11.91 2.37
N PHE A 455 -18.81 11.70 1.43
CA PHE A 455 -19.04 10.43 0.84
C PHE A 455 -18.75 10.53 -0.67
N ALA A 456 -17.83 9.72 -1.14
CA ALA A 456 -17.44 9.71 -2.54
C ALA A 456 -17.84 8.43 -3.25
N ARG A 457 -18.24 8.53 -4.50
CA ARG A 457 -18.61 7.35 -5.23
C ARG A 457 -18.59 7.50 -6.73
N GLY A 458 -18.50 6.37 -7.39
CA GLY A 458 -18.58 6.26 -8.82
C GLY A 458 -19.86 5.53 -9.02
N HIS A 459 -20.42 5.75 -10.20
CA HIS A 459 -21.78 6.10 -10.50
C HIS A 459 -22.19 5.64 -11.88
N ALA A 460 -23.26 6.26 -12.38
CA ALA A 460 -23.75 6.16 -13.77
C ALA A 460 -24.62 4.93 -14.00
N CYS A 461 -25.34 4.92 -15.13
CA CYS A 461 -26.37 3.93 -15.46
C CYS A 461 -26.69 3.86 -16.95
N ALA A 462 -27.56 2.93 -17.32
CA ALA A 462 -28.16 2.89 -18.65
C ALA A 462 -27.05 2.89 -19.63
N GLY A 463 -25.96 2.21 -19.30
CA GLY A 463 -24.79 2.24 -20.14
C GLY A 463 -25.66 1.74 -21.23
N THR A 464 -25.33 1.89 -22.50
CA THR A 464 -24.07 1.64 -23.13
C THR A 464 -23.00 2.63 -22.76
N ASN A 465 -21.80 2.24 -23.10
CA ASN A 465 -20.64 2.12 -22.27
C ASN A 465 -19.88 3.32 -21.74
N ASN A 466 -19.08 3.03 -20.72
CA ASN A 466 -18.23 4.01 -20.04
C ASN A 466 -18.91 4.63 -18.82
N LYS A 467 -18.14 5.39 -18.05
CA LYS A 467 -18.45 5.94 -16.73
C LYS A 467 -17.37 5.67 -15.68
N GLU A 468 -16.42 4.81 -16.04
CA GLU A 468 -15.37 4.38 -15.11
C GLU A 468 -14.28 5.39 -14.81
N PRO A 469 -13.51 5.11 -13.78
CA PRO A 469 -12.38 5.96 -13.42
C PRO A 469 -11.33 5.90 -14.50
N TRP A 470 -11.36 4.85 -15.32
CA TRP A 470 -10.32 4.60 -16.34
C TRP A 470 -10.67 4.63 -17.83
N VAL A 471 -11.91 5.01 -18.15
CA VAL A 471 -12.38 5.15 -19.52
C VAL A 471 -11.80 6.29 -20.33
N PHE A 472 -11.71 7.46 -19.73
CA PHE A 472 -11.49 8.68 -20.49
C PHE A 472 -10.01 8.90 -20.72
N GLY A 473 -9.33 7.78 -20.68
CA GLY A 473 -7.92 7.68 -20.93
C GLY A 473 -7.12 7.38 -19.72
N GLN A 474 -5.83 7.27 -19.98
CA GLN A 474 -4.82 7.24 -18.97
C GLN A 474 -4.80 8.53 -18.20
N LYS A 475 -4.91 9.65 -18.90
CA LYS A 475 -4.81 10.94 -18.28
C LYS A 475 -5.92 11.18 -17.28
N VAL A 476 -7.14 10.82 -17.65
CA VAL A 476 -8.30 10.96 -16.77
C VAL A 476 -8.18 10.04 -15.58
N GLU A 477 -7.69 8.86 -15.86
CA GLU A 477 -7.36 7.84 -14.89
C GLU A 477 -6.24 8.22 -13.95
N ASP A 478 -5.27 8.95 -14.46
CA ASP A 478 -4.19 9.58 -13.72
C ASP A 478 -4.61 10.72 -12.82
N ALA A 479 -5.59 11.48 -13.27
CA ALA A 479 -6.27 12.47 -12.45
C ALA A 479 -7.04 11.81 -11.33
N SER A 480 -7.71 10.74 -11.68
CA SER A 480 -8.44 9.92 -10.75
C SER A 480 -7.55 9.27 -9.71
N ARG A 481 -6.39 8.77 -10.11
CA ARG A 481 -5.45 8.23 -9.17
C ARG A 481 -4.92 9.28 -8.20
N ILE A 482 -4.56 10.44 -8.72
CA ILE A 482 -4.02 11.54 -7.93
C ILE A 482 -4.99 12.12 -6.92
N ALA A 483 -6.26 12.24 -7.29
CA ALA A 483 -7.31 12.63 -6.36
C ALA A 483 -7.61 11.66 -5.20
N LEU A 484 -7.78 10.40 -5.53
CA LEU A 484 -8.04 9.32 -4.60
C LEU A 484 -6.88 9.06 -3.67
N GLU A 485 -5.68 9.26 -4.17
CA GLU A 485 -4.52 9.20 -3.35
C GLU A 485 -4.43 10.34 -2.33
N ARG A 486 -4.86 11.51 -2.72
CA ARG A 486 -4.99 12.63 -1.82
C ARG A 486 -6.01 12.37 -0.74
N ARG A 487 -7.15 11.80 -1.10
CA ARG A 487 -8.25 11.52 -0.18
C ARG A 487 -7.85 10.58 0.92
N TYR A 488 -7.23 9.50 0.53
CA TYR A 488 -6.80 8.43 1.39
C TYR A 488 -5.73 8.83 2.40
N ILE A 489 -4.84 9.74 2.01
CA ILE A 489 -3.80 10.31 2.89
C ILE A 489 -4.40 11.11 4.04
N LEU A 490 -5.57 11.68 3.79
CA LEU A 490 -6.24 12.53 4.75
C LEU A 490 -7.36 11.81 5.48
N LEU A 491 -7.32 10.50 5.45
CA LEU A 491 -8.26 9.62 6.10
C LEU A 491 -8.22 9.85 7.60
N PRO A 492 -7.03 10.07 8.15
CA PRO A 492 -6.92 10.41 9.56
C PRO A 492 -7.54 11.76 9.93
N TYR A 493 -7.84 12.60 8.95
CA TYR A 493 -8.49 13.89 9.14
C TYR A 493 -9.98 13.88 8.78
N PHE A 494 -10.33 13.12 7.75
CA PHE A 494 -11.70 12.79 7.41
C PHE A 494 -12.32 11.96 8.51
N TYR A 495 -11.54 11.06 9.09
CA TYR A 495 -11.98 10.15 10.14
C TYR A 495 -12.31 10.75 11.47
N THR A 496 -11.45 11.65 11.89
CA THR A 496 -11.63 12.43 13.08
C THR A 496 -12.87 13.28 12.93
N LEU A 497 -13.02 13.85 11.74
CA LEU A 497 -14.16 14.65 11.30
C LEU A 497 -15.48 13.88 11.27
N LEU A 498 -15.39 12.61 10.90
CA LEU A 498 -16.53 11.72 10.93
C LEU A 498 -16.96 11.57 12.36
N HIS A 499 -15.99 11.53 13.23
CA HIS A 499 -16.18 11.49 14.66
C HIS A 499 -16.80 12.72 15.30
N GLU A 500 -16.44 13.90 14.82
CA GLU A 500 -17.04 15.15 15.25
C GLU A 500 -18.51 15.35 14.88
N ALA A 501 -18.82 14.90 13.68
CA ALA A 501 -20.13 14.91 13.09
C ALA A 501 -21.06 14.03 13.88
N SER A 502 -20.44 13.20 14.70
CA SER A 502 -21.16 12.20 15.42
C SER A 502 -21.19 12.43 16.92
N THR A 503 -20.38 13.33 17.42
CA THR A 503 -20.39 13.63 18.81
C THR A 503 -21.11 14.94 19.04
N ASN A 504 -20.80 15.93 18.24
CA ASN A 504 -21.55 17.16 18.19
C ASN A 504 -21.87 17.53 16.77
N GLY A 505 -20.91 17.19 15.93
CA GLY A 505 -20.36 17.99 14.88
C GLY A 505 -21.25 18.34 13.71
N MET A 506 -20.77 19.31 12.99
CA MET A 506 -21.46 19.91 11.91
C MET A 506 -21.06 19.18 10.68
N PRO A 507 -21.14 19.85 9.56
CA PRO A 507 -20.71 19.23 8.32
C PRO A 507 -19.22 18.88 8.35
N ILE A 508 -18.89 17.72 7.83
CA ILE A 508 -17.52 17.34 7.51
C ILE A 508 -17.09 18.31 6.43
N MET A 509 -18.01 18.53 5.50
CA MET A 509 -17.82 19.43 4.39
C MET A 509 -18.44 20.77 4.72
N ARG A 510 -17.59 21.69 5.11
CA ARG A 510 -17.96 22.94 5.71
C ARG A 510 -17.99 24.11 4.73
N PRO A 511 -18.79 25.13 5.02
CA PRO A 511 -18.82 26.30 4.17
C PRO A 511 -17.60 27.20 4.28
N VAL A 512 -17.30 27.93 3.23
CA VAL A 512 -16.15 28.84 3.27
C VAL A 512 -16.41 29.83 4.38
N PHE A 513 -17.68 30.17 4.50
CA PHE A 513 -18.30 31.14 5.40
C PHE A 513 -18.20 30.83 6.89
N PHE A 514 -18.05 29.56 7.21
CA PHE A 514 -17.83 29.08 8.55
C PHE A 514 -16.45 29.50 9.08
N SER A 515 -15.55 29.83 8.18
CA SER A 515 -14.22 30.33 8.51
C SER A 515 -14.25 31.66 9.24
N ASP A 516 -15.01 32.60 8.71
CA ASP A 516 -15.41 33.79 9.44
C ASP A 516 -16.87 34.18 9.27
N PRO A 517 -17.75 33.74 10.17
CA PRO A 517 -19.17 34.07 10.06
C PRO A 517 -19.47 35.55 10.11
N LYS A 518 -18.55 36.29 10.72
CA LYS A 518 -18.50 37.75 10.71
C LYS A 518 -18.22 38.39 9.37
N ASP A 519 -17.45 37.73 8.50
CA ASP A 519 -17.19 38.25 7.17
C ASP A 519 -18.35 38.09 6.18
N LEU A 520 -18.78 39.24 5.69
CA LEU A 520 -19.79 39.45 4.67
C LEU A 520 -19.40 38.97 3.28
N SER A 521 -18.12 39.09 2.97
CA SER A 521 -17.58 38.70 1.70
C SER A 521 -17.75 37.23 1.52
N LEU A 522 -17.79 36.54 2.64
CA LEU A 522 -17.83 35.08 2.68
C LEU A 522 -19.17 34.38 2.79
N ARG A 523 -20.25 35.13 2.85
CA ARG A 523 -21.58 34.57 3.06
C ARG A 523 -22.09 33.64 1.94
N ALA A 524 -22.01 34.10 0.70
CA ALA A 524 -22.65 33.42 -0.42
C ALA A 524 -21.79 32.47 -1.21
N GLU A 525 -20.56 32.27 -0.78
CA GLU A 525 -19.57 31.61 -1.57
C GLU A 525 -19.87 30.14 -1.61
N GLU A 526 -20.12 29.63 -2.79
CA GLU A 526 -20.57 28.26 -2.95
C GLU A 526 -19.76 27.35 -3.85
N GLU A 527 -18.57 27.75 -4.23
CA GLU A 527 -17.77 26.95 -5.14
C GLU A 527 -16.58 26.32 -4.44
N ALA A 528 -15.78 27.17 -3.84
CA ALA A 528 -14.76 26.75 -2.93
C ALA A 528 -15.47 26.30 -1.68
N PHE A 529 -14.83 25.44 -0.92
CA PHE A 529 -15.41 24.89 0.27
C PHE A 529 -14.37 24.42 1.24
N LEU A 530 -14.83 24.05 2.41
CA LEU A 530 -13.93 23.67 3.46
C LEU A 530 -14.04 22.21 3.80
N VAL A 531 -12.92 21.62 4.20
CA VAL A 531 -12.97 20.35 4.89
C VAL A 531 -12.44 20.49 6.31
N GLY A 532 -13.35 20.46 7.28
CA GLY A 532 -13.05 20.46 8.70
C GLY A 532 -12.33 21.57 9.43
N ASP A 533 -12.53 22.81 8.97
CA ASP A 533 -11.80 23.98 9.43
C ASP A 533 -10.44 24.24 8.76
N ASN A 534 -9.57 23.24 8.74
CA ASN A 534 -8.17 23.42 8.40
C ASN A 534 -7.71 23.26 6.98
N LEU A 535 -8.58 22.82 6.10
CA LEU A 535 -8.26 22.59 4.72
C LEU A 535 -9.26 23.30 3.80
N LEU A 536 -8.77 23.96 2.77
CA LEU A 536 -9.63 24.68 1.87
C LEU A 536 -9.63 24.05 0.50
N ILE A 537 -10.80 23.81 -0.07
CA ILE A 537 -10.85 23.13 -1.34
C ILE A 537 -11.39 23.98 -2.48
N ILE A 538 -10.57 24.27 -3.46
CA ILE A 538 -11.06 24.98 -4.63
C ILE A 538 -11.21 24.03 -5.80
N PRO A 539 -12.42 23.95 -6.32
CA PRO A 539 -12.68 23.09 -7.47
C PRO A 539 -12.24 23.80 -8.72
N ALA A 540 -12.72 23.44 -9.89
CA ALA A 540 -11.91 23.65 -11.07
C ALA A 540 -11.46 25.08 -11.26
N PHE A 541 -10.15 25.20 -11.20
CA PHE A 541 -9.23 26.22 -11.76
C PHE A 541 -8.93 27.55 -11.02
N ALA A 542 -7.71 28.04 -11.23
CA ALA A 542 -6.89 28.76 -10.26
C ALA A 542 -7.28 30.15 -9.68
N ASN A 543 -7.12 30.25 -8.38
CA ASN A 543 -7.28 31.45 -7.61
C ASN A 543 -8.71 31.99 -7.44
N GLN A 544 -9.73 31.17 -7.16
CA GLN A 544 -11.08 31.75 -6.84
C GLN A 544 -12.02 30.80 -6.06
N PRO A 545 -13.27 31.25 -5.55
CA PRO A 545 -13.56 32.71 -5.64
C PRO A 545 -13.58 33.36 -4.24
N ALA A 546 -14.70 33.92 -3.69
CA ALA A 546 -14.52 34.42 -2.36
C ALA A 546 -13.85 33.37 -1.52
N LEU A 547 -12.76 33.76 -0.90
CA LEU A 547 -11.99 32.86 -0.11
C LEU A 547 -11.89 33.46 1.26
N PRO A 548 -11.65 32.65 2.26
CA PRO A 548 -11.42 33.15 3.60
C PRO A 548 -10.11 33.91 3.76
N LYS A 549 -10.15 34.91 4.60
CA LYS A 549 -8.98 35.70 4.89
C LYS A 549 -8.04 35.02 5.86
N GLY A 550 -6.86 35.56 5.98
CA GLY A 550 -5.85 34.98 6.82
C GLY A 550 -4.92 33.98 6.16
N ILE A 551 -4.05 33.44 6.97
CA ILE A 551 -3.03 32.55 6.50
C ILE A 551 -3.65 31.26 5.99
N TRP A 552 -3.34 30.88 4.76
CA TRP A 552 -3.79 29.59 4.24
C TRP A 552 -2.68 28.64 3.83
N LYS A 553 -2.56 28.28 2.56
CA LYS A 553 -1.44 27.44 2.15
C LYS A 553 -0.18 27.98 2.81
N GLU A 554 0.10 29.25 2.56
CA GLU A 554 1.16 30.04 3.14
C GLU A 554 0.83 31.45 2.64
N LEU A 555 0.45 31.55 1.38
CA LEU A 555 -0.02 32.80 0.79
C LEU A 555 -0.34 32.67 -0.71
N ASP A 564 -1.53 17.80 -13.72
CA ASP A 564 -2.07 18.24 -12.45
C ASP A 564 -3.40 18.91 -12.65
N LYS A 565 -3.90 18.85 -13.86
CA LYS A 565 -4.95 19.72 -14.36
C LYS A 565 -6.29 19.68 -13.69
N TYR A 566 -6.83 18.50 -13.49
CA TYR A 566 -8.16 18.40 -13.00
C TYR A 566 -8.24 18.52 -11.47
N GLN A 567 -7.07 18.66 -10.85
CA GLN A 567 -6.93 18.78 -9.39
C GLN A 567 -7.35 20.09 -8.77
N ALA A 568 -8.05 19.98 -7.64
CA ALA A 568 -8.39 21.13 -6.82
C ALA A 568 -7.22 21.73 -6.02
N LYS A 569 -7.27 23.03 -5.79
CA LYS A 569 -6.30 23.66 -4.92
C LYS A 569 -6.56 23.40 -3.44
N MET A 570 -5.52 22.96 -2.76
CA MET A 570 -5.58 22.69 -1.34
C MET A 570 -4.84 23.75 -0.57
N LYS A 571 -5.50 24.33 0.40
CA LYS A 571 -4.90 25.28 1.30
C LYS A 571 -5.07 24.84 2.75
N ILE A 572 -4.03 25.00 3.55
CA ILE A 572 -4.06 24.63 4.95
C ILE A 572 -4.04 25.87 5.81
N ARG A 573 -4.96 25.89 6.75
CA ARG A 573 -5.13 26.99 7.65
C ARG A 573 -3.94 27.20 8.56
N GLY A 574 -3.59 28.45 8.76
CA GLY A 574 -2.64 28.84 9.78
C GLY A 574 -3.21 28.57 11.16
N GLY A 575 -2.37 28.11 12.06
CA GLY A 575 -2.82 27.73 13.38
C GLY A 575 -3.44 26.37 13.47
N ALA A 576 -3.17 25.58 12.44
CA ALA A 576 -3.81 24.33 12.17
C ALA A 576 -2.85 23.15 12.13
N ILE A 577 -3.29 22.05 12.72
CA ILE A 577 -2.65 20.76 12.58
C ILE A 577 -3.57 19.71 11.96
N ILE A 578 -3.18 19.21 10.80
CA ILE A 578 -3.90 18.17 10.11
C ILE A 578 -3.18 16.83 10.22
N PRO A 579 -3.83 15.78 10.69
CA PRO A 579 -3.20 14.46 10.70
C PRO A 579 -3.23 13.83 9.33
N THR A 580 -2.08 13.40 8.86
CA THR A 580 -1.92 12.82 7.53
C THR A 580 -1.39 11.38 7.58
N GLY A 581 -1.99 10.45 6.85
CA GLY A 581 -1.55 9.07 6.92
C GLY A 581 -0.59 8.54 5.87
N LYS A 582 -1.10 8.23 4.69
CA LYS A 582 -0.27 7.79 3.60
C LYS A 582 -1.13 7.12 2.58
N ILE A 583 -0.61 6.97 1.38
CA ILE A 583 -1.33 6.30 0.33
C ILE A 583 -1.58 4.87 0.76
N ILE A 584 -2.80 4.43 0.54
CA ILE A 584 -3.21 3.09 0.84
C ILE A 584 -4.18 2.73 -0.25
N GLN A 585 -4.25 1.48 -0.60
CA GLN A 585 -5.26 1.02 -1.52
C GLN A 585 -6.71 1.00 -1.02
N ASN A 586 -6.82 0.68 0.25
CA ASN A 586 -8.08 0.55 0.97
C ASN A 586 -7.80 0.75 2.44
N THR A 587 -8.84 0.76 3.25
CA THR A 587 -8.77 1.01 4.68
C THR A 587 -8.36 -0.24 5.46
N THR A 588 -8.01 -1.28 4.73
CA THR A 588 -7.43 -2.50 5.26
C THR A 588 -5.99 -2.40 5.82
N GLU A 589 -5.16 -1.50 5.32
CA GLU A 589 -3.82 -1.35 5.91
C GLU A 589 -3.74 -0.26 6.99
N ASN A 590 -4.94 0.07 7.46
CA ASN A 590 -5.31 1.24 8.22
C ASN A 590 -4.73 1.39 9.61
N SER A 591 -4.76 0.31 10.34
CA SER A 591 -4.29 0.25 11.70
C SER A 591 -2.78 0.61 11.63
N LEU A 592 -2.14 0.20 10.54
CA LEU A 592 -0.79 0.61 10.19
C LEU A 592 -0.82 1.81 9.25
N ASP A 593 -0.78 3.01 9.84
CA ASP A 593 -0.63 4.25 9.09
C ASP A 593 0.55 5.07 9.58
N PRO A 594 1.64 5.19 8.81
CA PRO A 594 2.68 6.12 9.25
C PRO A 594 2.10 7.53 9.34
N LEU A 595 2.29 8.15 10.49
CA LEU A 595 1.66 9.43 10.76
C LEU A 595 2.59 10.60 10.46
N THR A 596 2.09 11.53 9.67
CA THR A 596 2.78 12.75 9.35
C THR A 596 1.87 13.92 9.64
N LEU A 597 2.29 14.78 10.53
CA LEU A 597 1.45 15.89 10.92
C LEU A 597 1.69 17.14 10.14
N LEU A 598 0.69 17.56 9.39
CA LEU A 598 0.79 18.76 8.61
C LEU A 598 0.57 19.99 9.46
N VAL A 599 1.54 20.90 9.40
CA VAL A 599 1.56 22.05 10.27
C VAL A 599 1.63 23.35 9.48
N CYS A 600 0.75 24.27 9.77
CA CYS A 600 0.91 25.64 9.30
C CYS A 600 0.81 26.62 10.45
N LEU A 601 1.92 27.21 10.85
CA LEU A 601 1.94 28.21 11.92
C LEU A 601 1.18 29.50 11.61
N ASP A 602 0.48 30.01 12.61
CA ASP A 602 -0.29 31.23 12.48
C ASP A 602 0.46 32.49 12.90
N GLU A 603 -0.32 33.52 13.21
CA GLU A 603 0.16 34.86 13.48
C GLU A 603 1.02 35.00 14.73
N GLN A 604 0.89 34.03 15.64
CA GLN A 604 1.78 33.90 16.77
C GLN A 604 2.76 32.80 16.58
N GLY A 605 2.88 32.31 15.36
CA GLY A 605 3.65 31.12 15.07
C GLY A 605 3.19 29.88 15.80
N LYS A 606 1.89 29.64 15.80
CA LYS A 606 1.36 28.46 16.47
C LYS A 606 0.32 27.69 15.65
N ALA A 607 0.26 26.39 15.90
CA ALA A 607 -0.65 25.46 15.28
C ALA A 607 -1.25 24.48 16.29
N SER A 608 -2.54 24.18 16.16
CA SER A 608 -3.16 23.19 17.03
C SER A 608 -4.06 22.23 16.28
N GLY A 609 -4.00 20.96 16.61
CA GLY A 609 -4.81 19.97 15.95
C GLY A 609 -5.06 18.68 16.70
N ASN A 610 -6.07 17.94 16.31
CA ASN A 610 -6.33 16.68 16.94
C ASN A 610 -6.52 15.53 15.93
N MET A 611 -6.31 14.31 16.39
CA MET A 611 -6.62 13.10 15.65
C MET A 611 -7.51 12.15 16.47
N TYR A 612 -8.46 11.53 15.80
CA TYR A 612 -9.28 10.49 16.39
C TYR A 612 -9.01 9.22 15.61
N TRP A 613 -8.84 8.10 16.30
CA TRP A 613 -8.62 6.85 15.63
C TRP A 613 -9.15 5.70 16.43
N ASP A 614 -9.43 4.60 15.76
CA ASP A 614 -9.90 3.41 16.45
C ASP A 614 -9.69 2.18 15.60
N ALA A 615 -10.30 1.07 16.03
CA ALA A 615 -10.34 -0.17 15.25
C ALA A 615 -11.14 -0.06 13.96
N GLY A 616 -12.12 0.82 13.96
CA GLY A 616 -13.06 0.94 12.87
C GLY A 616 -14.38 0.20 12.93
N ASP A 617 -14.67 -0.55 13.99
CA ASP A 617 -16.01 -1.14 14.17
C ASP A 617 -16.61 -1.17 15.57
N GLY A 618 -16.37 -0.11 16.32
CA GLY A 618 -17.07 0.22 17.52
C GLY A 618 -16.99 1.73 17.43
N TRP A 619 -17.77 2.44 18.23
CA TRP A 619 -17.82 3.86 18.16
C TRP A 619 -16.84 4.40 19.16
N SER A 620 -17.19 5.48 19.85
CA SER A 620 -16.26 6.04 20.78
C SER A 620 -16.56 5.02 21.81
N TYR A 621 -15.72 4.02 21.84
CA TYR A 621 -16.12 2.67 22.06
C TYR A 621 -16.76 2.66 23.39
N LYS A 622 -17.62 1.69 23.61
CA LYS A 622 -18.37 1.65 24.84
C LYS A 622 -17.33 1.59 25.92
N LYS A 623 -16.31 0.81 25.66
CA LYS A 623 -15.28 0.54 26.61
C LYS A 623 -14.09 1.43 26.43
N GLY A 624 -14.21 2.45 25.60
CA GLY A 624 -13.11 3.37 25.37
C GLY A 624 -11.94 2.93 24.50
N ASP A 625 -12.18 2.05 23.54
CA ASP A 625 -11.09 1.60 22.68
C ASP A 625 -10.83 2.56 21.54
N TYR A 626 -10.32 3.73 21.91
CA TYR A 626 -9.95 4.79 21.01
C TYR A 626 -8.75 5.44 21.64
N SER A 627 -8.02 6.19 20.84
CA SER A 627 -7.13 7.19 21.33
C SER A 627 -7.63 8.50 20.75
N LEU A 628 -7.74 9.52 21.58
CA LEU A 628 -7.97 10.85 21.06
C LEU A 628 -6.76 11.73 21.31
N LEU A 629 -6.05 12.07 20.23
CA LEU A 629 -4.77 12.75 20.31
C LEU A 629 -4.81 14.24 19.99
N GLN A 630 -4.11 14.99 20.82
CA GLN A 630 -4.00 16.41 20.66
C GLN A 630 -2.59 16.86 20.36
N PHE A 631 -2.44 17.59 19.26
CA PHE A 631 -1.18 18.24 18.89
C PHE A 631 -1.19 19.74 19.09
N VAL A 632 -0.05 20.27 19.51
CA VAL A 632 0.19 21.70 19.61
C VAL A 632 1.50 21.91 18.86
N ALA A 633 1.65 23.05 18.21
CA ALA A 633 2.93 23.43 17.66
C ALA A 633 3.22 24.88 17.99
N GLU A 634 4.38 25.16 18.54
CA GLU A 634 4.74 26.53 18.83
C GLU A 634 6.13 26.96 18.32
N ARG A 635 6.16 27.99 17.51
CA ARG A 635 7.43 28.54 17.03
C ARG A 635 7.92 29.65 17.92
N ASN A 636 8.88 29.33 18.77
CA ASN A 636 9.58 30.31 19.59
C ASN A 636 11.04 30.20 19.22
N GLY A 637 11.65 31.28 18.77
CA GLY A 637 12.99 31.21 18.23
C GLY A 637 12.98 31.08 16.72
N ASP A 638 14.02 30.47 16.17
CA ASP A 638 14.01 30.09 14.78
C ASP A 638 13.66 28.62 14.65
N LYS A 639 13.20 28.05 15.75
CA LYS A 639 12.88 26.65 15.80
C LYS A 639 11.46 26.39 16.29
N VAL A 640 10.81 25.37 15.74
CA VAL A 640 9.44 25.07 16.10
C VAL A 640 9.41 23.78 16.85
N THR A 641 8.44 23.61 17.74
CA THR A 641 8.27 22.35 18.43
C THR A 641 6.90 21.92 17.99
N VAL A 642 6.73 20.63 17.85
CA VAL A 642 5.44 20.06 17.69
C VAL A 642 5.53 19.01 18.75
N LYS A 643 4.45 18.78 19.45
CA LYS A 643 4.40 18.03 20.66
C LYS A 643 3.11 17.21 20.65
N LEU A 644 2.91 16.37 21.65
CA LEU A 644 1.62 15.76 21.92
C LEU A 644 1.07 16.21 23.27
N THR A 645 -0.01 16.97 23.26
CA THR A 645 -0.64 17.49 24.48
C THR A 645 -1.42 16.51 25.35
N LYS A 646 -2.34 15.81 24.76
CA LYS A 646 -3.21 14.94 25.50
C LYS A 646 -3.43 13.62 24.80
N LYS A 647 -3.74 12.59 25.58
CA LYS A 647 -4.06 11.26 25.10
C LYS A 647 -5.31 10.68 25.75
N THR A 648 -6.46 11.06 25.26
CA THR A 648 -7.69 10.51 25.76
C THR A 648 -7.83 9.07 25.34
N GLY A 649 -8.58 8.31 26.15
CA GLY A 649 -8.83 6.90 25.95
C GLY A 649 -7.67 5.93 25.93
N LYS A 650 -7.72 5.01 24.97
CA LYS A 650 -6.73 3.98 24.70
C LYS A 650 -7.57 2.80 24.29
N TYR A 651 -7.02 1.84 23.57
CA TYR A 651 -7.86 0.73 23.13
C TYR A 651 -7.21 -0.56 22.72
N ASN A 652 -8.05 -1.40 22.16
CA ASN A 652 -7.79 -2.79 21.80
C ASN A 652 -7.32 -3.60 22.99
N THR A 653 -7.76 -3.20 24.16
CA THR A 653 -8.52 -3.96 25.11
C THR A 653 -8.98 -3.08 26.26
N GLU A 654 -9.82 -3.63 27.12
CA GLU A 654 -10.18 -3.05 28.41
C GLU A 654 -11.60 -3.33 28.79
N ASN A 655 -11.86 -4.00 29.91
CA ASN A 655 -13.21 -4.30 30.40
C ASN A 655 -13.51 -3.99 31.89
N LYS A 656 -14.64 -4.48 32.42
CA LYS A 656 -15.11 -4.10 33.75
C LYS A 656 -15.59 -5.23 34.64
N ASP A 657 -15.34 -5.08 35.93
CA ASP A 657 -15.68 -6.05 36.94
C ASP A 657 -16.89 -5.66 37.77
N VAL B 58 40.47 -36.67 -15.11
CA VAL B 58 39.30 -37.49 -14.85
C VAL B 58 37.95 -36.77 -15.01
N PRO B 59 37.54 -36.40 -16.23
CA PRO B 59 36.15 -35.98 -16.41
C PRO B 59 35.28 -36.71 -17.46
N GLU B 60 35.83 -36.96 -18.66
CA GLU B 60 35.08 -37.15 -19.88
C GLU B 60 34.81 -35.79 -20.57
N GLY B 61 33.84 -35.71 -21.49
CA GLY B 61 33.50 -34.44 -22.12
C GLY B 61 32.48 -33.59 -21.35
N THR B 62 32.90 -33.15 -20.17
CA THR B 62 32.03 -32.74 -19.08
C THR B 62 31.08 -31.51 -19.04
N SER B 63 31.59 -30.32 -19.29
CA SER B 63 30.81 -29.10 -19.07
C SER B 63 30.98 -28.52 -17.66
N ILE B 64 32.00 -27.71 -17.50
CA ILE B 64 32.56 -27.38 -16.20
C ILE B 64 32.23 -25.99 -15.66
N TYR B 65 31.94 -25.95 -14.37
CA TYR B 65 31.52 -24.74 -13.68
C TYR B 65 32.32 -24.54 -12.41
N GLY B 66 31.90 -23.56 -11.63
CA GLY B 66 32.58 -23.23 -10.41
C GLY B 66 33.60 -22.13 -10.54
N GLY B 67 34.44 -22.01 -9.53
CA GLY B 67 35.35 -20.89 -9.36
C GLY B 67 35.03 -19.74 -8.44
N GLY B 68 33.92 -19.76 -7.70
CA GLY B 68 33.53 -18.66 -6.84
C GLY B 68 33.07 -17.36 -7.47
N GLU B 69 33.80 -16.28 -7.26
CA GLU B 69 33.45 -15.01 -7.89
C GLU B 69 34.37 -14.78 -9.07
N VAL B 70 33.81 -14.71 -10.27
CA VAL B 70 34.63 -14.71 -11.46
C VAL B 70 34.24 -13.90 -12.70
N THR B 71 35.01 -14.16 -13.74
CA THR B 71 35.02 -13.36 -14.94
C THR B 71 34.43 -13.97 -16.24
N GLY B 72 33.87 -15.15 -16.15
CA GLY B 72 33.32 -15.86 -17.29
C GLY B 72 32.69 -15.04 -18.40
N SER B 73 32.52 -15.64 -19.57
CA SER B 73 33.18 -16.87 -19.94
C SER B 73 32.59 -18.04 -19.20
N LEU B 74 33.16 -19.21 -19.47
CA LEU B 74 32.83 -20.43 -18.77
C LEU B 74 34.16 -20.94 -18.31
N LEU B 75 34.15 -22.00 -17.53
CA LEU B 75 35.39 -22.56 -17.06
C LEU B 75 35.79 -23.59 -18.08
N ARG B 76 36.84 -23.26 -18.81
CA ARG B 76 37.03 -23.76 -20.16
C ARG B 76 38.44 -23.72 -20.73
N ASN B 77 38.49 -24.00 -22.02
CA ASN B 77 39.69 -24.40 -22.75
C ASN B 77 40.79 -23.34 -22.80
N GLY B 78 42.04 -23.78 -22.64
CA GLY B 78 43.20 -22.92 -22.68
C GLY B 78 43.78 -22.25 -21.43
N LYS B 79 43.30 -22.57 -20.24
CA LYS B 79 43.92 -22.10 -18.99
C LYS B 79 43.21 -20.88 -18.40
N THR B 80 42.49 -21.07 -17.30
CA THR B 80 41.52 -20.08 -16.84
C THR B 80 41.70 -19.23 -15.57
N ILE B 81 41.74 -19.88 -14.40
CA ILE B 81 41.41 -19.25 -13.11
C ILE B 81 42.50 -19.14 -12.05
N LYS B 82 42.32 -18.19 -11.14
CA LYS B 82 43.21 -18.06 -10.00
C LYS B 82 42.53 -17.72 -8.67
N LEU B 83 43.26 -17.97 -7.59
CA LEU B 83 42.86 -17.61 -6.25
C LEU B 83 43.77 -16.54 -5.74
N TRP B 84 44.03 -16.51 -4.45
CA TRP B 84 44.77 -15.40 -3.85
C TRP B 84 44.01 -14.12 -4.09
N ASN B 85 43.48 -13.56 -3.01
CA ASN B 85 42.47 -12.49 -3.04
C ASN B 85 42.87 -11.10 -3.49
N THR B 86 42.07 -10.56 -4.39
CA THR B 86 42.43 -9.35 -5.11
C THR B 86 41.50 -8.14 -4.93
N ASP B 87 42.14 -7.00 -4.74
CA ASP B 87 41.52 -5.74 -4.45
C ASP B 87 41.42 -4.89 -5.70
N SER B 88 41.52 -5.53 -6.84
CA SER B 88 41.42 -4.82 -8.10
C SER B 88 40.05 -4.17 -8.17
N GLY B 89 39.08 -4.96 -7.74
CA GLY B 89 37.71 -4.57 -7.64
C GLY B 89 36.99 -4.29 -8.94
N ALA B 90 37.18 -3.11 -9.51
CA ALA B 90 36.30 -2.67 -10.57
C ALA B 90 36.57 -3.65 -11.63
N TYR B 91 35.53 -4.40 -12.03
CA TYR B 91 35.69 -5.83 -12.18
C TYR B 91 36.87 -5.87 -12.95
N GLY B 92 37.52 -6.97 -12.83
CA GLY B 92 38.74 -7.18 -13.56
C GLY B 92 38.94 -8.53 -14.19
N VAL B 93 39.28 -8.51 -15.46
CA VAL B 93 39.99 -9.62 -16.08
C VAL B 93 41.36 -9.67 -15.40
N ASP B 94 41.92 -8.48 -15.20
CA ASP B 94 43.15 -8.24 -14.42
C ASP B 94 44.43 -8.90 -14.89
N LYS B 95 44.69 -8.88 -16.19
CA LYS B 95 45.88 -9.52 -16.69
C LYS B 95 45.64 -11.01 -16.56
N GLY B 96 45.36 -11.44 -15.33
CA GLY B 96 45.15 -12.84 -15.01
C GLY B 96 43.85 -13.36 -14.41
N THR B 97 42.85 -12.51 -14.22
CA THR B 97 41.60 -12.97 -13.64
C THR B 97 41.80 -13.58 -12.27
N ARG B 98 41.55 -12.79 -11.24
CA ARG B 98 41.55 -13.25 -9.87
C ARG B 98 40.75 -12.26 -9.05
N LEU B 99 39.48 -12.49 -8.82
CA LEU B 99 38.68 -11.45 -8.18
C LEU B 99 38.74 -11.55 -6.68
N TYR B 100 37.79 -10.90 -6.02
CA TYR B 100 37.81 -10.72 -4.59
C TYR B 100 37.74 -12.00 -3.79
N GLN B 101 36.93 -12.95 -4.23
CA GLN B 101 36.62 -14.17 -3.49
C GLN B 101 37.26 -15.47 -3.99
N SER B 102 37.81 -16.27 -3.10
CA SER B 102 38.44 -17.51 -3.50
C SER B 102 37.59 -18.73 -3.14
N HIS B 103 37.13 -19.46 -4.14
CA HIS B 103 36.35 -20.67 -3.90
C HIS B 103 36.92 -21.91 -4.60
N PRO B 104 37.72 -22.71 -3.90
CA PRO B 104 38.46 -23.78 -4.58
C PRO B 104 37.65 -25.05 -4.83
N TRP B 105 36.56 -24.90 -5.56
CA TRP B 105 35.65 -25.99 -5.87
C TRP B 105 35.22 -25.84 -7.34
N MET B 106 34.98 -26.95 -8.01
CA MET B 106 34.48 -26.92 -9.36
C MET B 106 33.43 -28.00 -9.51
N MET B 107 32.47 -27.75 -10.38
CA MET B 107 31.51 -28.75 -10.75
C MET B 107 31.55 -29.09 -12.23
N GLY B 108 31.48 -30.37 -12.56
CA GLY B 108 31.26 -30.80 -13.93
C GLY B 108 29.94 -31.52 -14.01
N VAL B 109 29.09 -31.15 -14.95
CA VAL B 109 27.85 -31.88 -15.18
C VAL B 109 27.88 -33.27 -15.79
N ARG B 110 28.62 -33.42 -16.88
CA ARG B 110 28.77 -34.69 -17.55
C ARG B 110 27.56 -34.86 -18.46
N LYS B 111 27.74 -35.54 -19.58
CA LYS B 111 26.75 -35.56 -20.64
C LYS B 111 25.44 -36.22 -20.23
N ASP B 112 25.47 -36.93 -19.13
CA ASP B 112 24.30 -37.49 -18.53
C ASP B 112 23.42 -36.37 -18.05
N GLY B 113 24.07 -35.37 -17.46
CA GLY B 113 23.44 -34.55 -16.46
C GLY B 113 23.66 -35.15 -15.10
N THR B 114 24.51 -36.16 -15.04
CA THR B 114 24.98 -36.66 -13.79
C THR B 114 26.23 -35.89 -13.46
N ALA B 115 26.08 -34.81 -12.72
CA ALA B 115 27.20 -34.00 -12.29
C ALA B 115 27.99 -34.66 -11.19
N PHE B 116 29.20 -34.16 -10.95
CA PHE B 116 30.06 -34.66 -9.91
C PHE B 116 30.65 -33.46 -9.25
N GLY B 117 31.20 -33.66 -8.06
CA GLY B 117 31.83 -32.56 -7.34
C GLY B 117 33.25 -32.72 -6.83
N ILE B 118 34.10 -31.78 -7.20
CA ILE B 118 35.45 -31.74 -6.69
C ILE B 118 35.79 -30.47 -5.88
N LEU B 119 36.11 -30.64 -4.62
CA LEU B 119 36.57 -29.52 -3.83
C LEU B 119 38.01 -29.72 -3.25
N PHE B 120 38.86 -28.71 -3.41
CA PHE B 120 40.23 -28.81 -2.90
C PHE B 120 40.45 -28.04 -1.61
N ASP B 121 40.67 -28.79 -0.55
CA ASP B 121 40.64 -28.29 0.82
C ASP B 121 41.94 -27.62 1.23
N THR B 122 42.22 -26.46 0.66
CA THR B 122 43.40 -25.65 1.00
C THR B 122 43.12 -24.17 0.93
N THR B 123 43.81 -23.42 1.76
CA THR B 123 43.41 -22.07 2.11
C THR B 123 44.02 -20.87 1.37
N TRP B 124 45.31 -20.84 1.09
CA TRP B 124 45.84 -19.72 0.29
C TRP B 124 46.85 -19.97 -0.82
N LYS B 125 46.82 -19.07 -1.80
CA LYS B 125 47.64 -19.06 -3.00
C LYS B 125 47.45 -20.30 -3.83
N ALA B 126 46.64 -20.18 -4.88
CA ALA B 126 46.34 -21.30 -5.73
C ALA B 126 45.94 -20.86 -7.12
N GLU B 127 46.01 -21.77 -8.09
CA GLU B 127 45.38 -21.57 -9.38
C GLU B 127 44.56 -22.78 -9.78
N LEU B 128 43.25 -22.61 -9.92
CA LEU B 128 42.38 -23.64 -10.49
C LEU B 128 42.59 -23.77 -12.00
N SER B 129 42.56 -24.99 -12.50
CA SER B 129 42.80 -25.23 -13.90
C SER B 129 41.56 -25.81 -14.52
N SER B 130 41.39 -25.52 -15.78
CA SER B 130 40.50 -26.24 -16.63
C SER B 130 41.32 -26.68 -17.82
N THR B 131 41.58 -27.97 -17.97
CA THR B 131 42.51 -28.38 -19.00
C THR B 131 42.22 -29.51 -19.96
N ASP B 132 41.25 -29.32 -20.84
CA ASP B 132 41.03 -30.27 -21.90
C ASP B 132 40.96 -31.68 -21.29
N GLU B 133 40.07 -31.88 -20.33
CA GLU B 133 40.07 -33.15 -19.63
C GLU B 133 40.85 -33.20 -18.30
N LYS B 134 41.52 -32.13 -17.93
CA LYS B 134 42.13 -32.08 -16.61
C LYS B 134 41.58 -30.95 -15.76
N ILE B 135 41.35 -31.25 -14.50
CA ILE B 135 40.89 -30.26 -13.55
C ILE B 135 41.84 -30.30 -12.34
N GLU B 136 42.66 -29.25 -12.20
CA GLU B 136 43.71 -29.23 -11.16
C GLU B 136 43.98 -27.88 -10.52
N LEU B 137 44.40 -27.92 -9.27
CA LEU B 137 44.76 -26.72 -8.55
C LEU B 137 46.16 -26.90 -7.96
N LYS B 138 47.00 -25.88 -8.04
CA LYS B 138 48.36 -25.96 -7.51
C LYS B 138 48.52 -25.13 -6.25
N SER B 139 48.87 -25.78 -5.16
CA SER B 139 48.66 -25.34 -3.80
C SER B 139 49.52 -24.19 -3.33
N GLU B 140 49.22 -23.73 -2.13
CA GLU B 140 50.08 -22.86 -1.34
C GLU B 140 51.36 -23.59 -1.04
N GLY B 141 51.23 -24.91 -0.93
CA GLY B 141 52.35 -25.82 -0.83
C GLY B 141 52.34 -26.93 0.20
N ILE B 142 51.37 -26.92 1.10
CA ILE B 142 51.19 -27.99 2.08
C ILE B 142 50.06 -28.86 1.57
N PRO B 143 50.17 -30.18 1.65
CA PRO B 143 49.14 -31.02 1.05
C PRO B 143 47.79 -30.85 1.69
N PHE B 144 46.75 -31.01 0.90
CA PHE B 144 45.37 -30.84 1.32
C PHE B 144 44.55 -32.01 0.88
N ARG B 145 43.48 -32.25 1.61
CA ARG B 145 42.52 -33.27 1.30
C ARG B 145 41.81 -32.90 0.02
N VAL B 146 41.27 -33.90 -0.66
CA VAL B 146 40.42 -33.63 -1.79
C VAL B 146 39.09 -34.30 -1.58
N PHE B 147 38.03 -33.50 -1.48
CA PHE B 147 36.68 -34.02 -1.32
C PHE B 147 36.00 -34.05 -2.68
N ILE B 148 35.51 -35.21 -3.08
CA ILE B 148 34.83 -35.35 -4.36
C ILE B 148 33.41 -35.94 -4.26
N ILE B 149 32.41 -35.24 -4.76
CA ILE B 149 31.08 -35.83 -4.92
C ILE B 149 30.71 -36.20 -6.36
N ASP B 150 30.20 -37.41 -6.57
CA ASP B 150 29.47 -37.72 -7.77
C ASP B 150 28.04 -38.15 -7.41
N ARG B 151 27.07 -37.39 -7.90
CA ARG B 151 25.65 -37.55 -7.61
C ARG B 151 24.80 -37.38 -8.84
N GLU B 152 23.51 -37.66 -8.70
CA GLU B 152 22.54 -37.82 -9.80
C GLU B 152 22.31 -36.60 -10.68
N SER B 153 22.35 -35.44 -10.08
CA SER B 153 22.09 -34.20 -10.79
C SER B 153 23.17 -33.19 -10.43
N PRO B 154 23.30 -32.12 -11.21
CA PRO B 154 24.21 -31.02 -10.87
C PRO B 154 23.72 -30.30 -9.62
N GLN B 155 22.41 -30.21 -9.52
CA GLN B 155 21.62 -29.73 -8.39
C GLN B 155 21.65 -30.59 -7.13
N ALA B 156 21.71 -31.89 -7.34
CA ALA B 156 21.99 -32.82 -6.26
C ALA B 156 23.38 -32.58 -5.71
N VAL B 157 24.29 -32.26 -6.62
CA VAL B 157 25.63 -31.80 -6.33
C VAL B 157 25.72 -30.44 -5.64
N ILE B 158 24.84 -29.51 -5.99
CA ILE B 158 24.78 -28.19 -5.34
C ILE B 158 24.38 -28.22 -3.87
N ARG B 159 23.43 -29.10 -3.55
CA ARG B 159 23.08 -29.36 -2.16
C ARG B 159 24.27 -29.96 -1.43
N GLY B 160 24.95 -30.89 -2.08
CA GLY B 160 26.05 -31.62 -1.49
C GLY B 160 27.24 -30.82 -1.04
N LEU B 161 27.58 -29.79 -1.77
CA LEU B 161 28.60 -28.86 -1.35
C LEU B 161 28.24 -28.06 -0.11
N SER B 162 27.01 -27.57 -0.03
CA SER B 162 26.53 -26.87 1.17
C SER B 162 26.42 -27.79 2.39
N GLU B 163 26.11 -29.03 2.13
CA GLU B 163 26.01 -30.05 3.15
C GLU B 163 27.34 -30.22 3.82
N LEU B 164 28.38 -30.17 3.02
CA LEU B 164 29.76 -30.06 3.46
C LEU B 164 30.26 -28.76 4.02
N THR B 165 30.07 -27.71 3.25
CA THR B 165 30.59 -26.41 3.55
C THR B 165 29.72 -25.55 4.43
N GLY B 166 28.47 -25.96 4.57
CA GLY B 166 27.54 -25.23 5.40
C GLY B 166 26.69 -24.17 4.75
N THR B 167 25.58 -23.89 5.38
CA THR B 167 24.60 -23.05 4.78
C THR B 167 24.54 -21.64 5.31
N MET B 168 23.84 -20.82 4.54
CA MET B 168 23.62 -19.44 4.91
C MET B 168 22.59 -19.26 6.00
N PRO B 169 22.95 -18.47 7.01
CA PRO B 169 22.01 -18.00 8.03
C PRO B 169 20.97 -17.06 7.47
N MET B 170 19.72 -17.30 7.79
CA MET B 170 18.57 -16.57 7.30
C MET B 170 18.69 -15.14 7.72
N ILE B 171 18.44 -14.27 6.80
CA ILE B 171 18.63 -12.86 7.01
C ILE B 171 17.28 -12.26 7.21
N PRO B 172 17.21 -10.99 7.47
CA PRO B 172 15.92 -10.33 7.57
C PRO B 172 15.23 -10.26 6.21
N ARG B 173 13.91 -10.29 6.21
CA ARG B 173 13.18 -10.20 4.96
C ARG B 173 13.34 -8.80 4.37
N TRP B 174 13.82 -7.85 5.16
CA TRP B 174 14.21 -6.55 4.64
C TRP B 174 15.47 -6.57 3.79
N ALA B 175 16.34 -7.51 4.09
CA ALA B 175 17.51 -7.78 3.30
C ALA B 175 17.06 -8.28 1.93
N LEU B 176 15.80 -8.63 1.87
CA LEU B 176 15.11 -8.82 0.64
C LEU B 176 14.40 -7.51 0.33
N GLY B 177 14.53 -7.02 -0.88
CA GLY B 177 13.96 -5.75 -1.23
C GLY B 177 15.00 -4.70 -1.43
N TYR B 178 14.66 -3.67 -2.18
CA TYR B 178 15.61 -2.74 -2.77
C TYR B 178 16.41 -1.92 -1.81
N GLN B 179 17.71 -1.83 -2.06
CA GLN B 179 18.60 -0.98 -1.29
C GLN B 179 19.36 -0.03 -2.22
N GLN B 180 19.85 1.07 -1.70
CA GLN B 180 20.53 2.03 -2.54
C GLN B 180 21.50 2.92 -1.80
N CYS B 181 22.41 3.50 -2.56
CA CYS B 181 23.14 4.73 -2.24
C CYS B 181 24.60 4.75 -2.69
N ARG B 182 25.11 5.95 -2.97
CA ARG B 182 26.49 6.13 -3.36
C ARG B 182 27.12 7.08 -2.37
N PHE B 183 28.43 7.31 -2.47
CA PHE B 183 29.06 8.21 -1.50
C PHE B 183 29.09 9.61 -2.08
N SER B 184 29.94 10.46 -1.54
CA SER B 184 29.97 11.87 -1.97
C SER B 184 30.89 12.72 -1.12
N TYR B 185 30.72 14.02 -1.22
CA TYR B 185 31.47 15.00 -0.45
C TYR B 185 30.72 15.21 0.84
N SER B 186 31.11 16.24 1.55
CA SER B 186 30.70 16.39 2.94
C SER B 186 29.34 16.99 3.13
N PRO B 187 29.03 17.48 4.33
CA PRO B 187 27.63 17.71 4.69
C PRO B 187 26.98 18.69 3.74
N ASP B 188 25.69 18.53 3.42
CA ASP B 188 24.90 17.41 3.94
C ASP B 188 25.32 16.05 3.43
N SER B 189 25.36 15.80 2.11
CA SER B 189 24.46 16.28 1.06
C SER B 189 23.23 15.40 0.91
N ARG B 190 22.25 15.91 0.17
CA ARG B 190 20.90 15.35 0.11
C ARG B 190 20.75 14.01 0.80
N VAL B 191 21.59 13.77 1.80
CA VAL B 191 21.47 12.59 2.67
C VAL B 191 20.19 12.65 3.45
N ILE B 192 19.66 13.87 3.51
CA ILE B 192 18.32 14.14 3.96
C ILE B 192 17.51 13.30 2.99
N GLU B 193 16.51 12.61 3.47
CA GLU B 193 16.16 11.36 2.87
C GLU B 193 15.67 11.50 1.44
N ILE B 194 16.51 11.06 0.54
CA ILE B 194 16.14 10.78 -0.83
C ILE B 194 15.13 9.62 -0.80
N ALA B 195 15.00 9.06 0.39
CA ALA B 195 14.00 8.08 0.71
C ALA B 195 12.64 8.70 0.59
N ASP B 196 12.48 9.92 1.08
CA ASP B 196 11.21 10.62 0.97
C ASP B 196 10.93 10.71 -0.51
N THR B 197 11.99 10.89 -1.26
CA THR B 197 11.98 10.86 -2.70
C THR B 197 11.54 9.51 -3.25
N PHE B 198 12.01 8.42 -2.65
CA PHE B 198 11.58 7.10 -3.02
C PHE B 198 10.10 6.88 -2.75
N ARG B 199 9.63 7.36 -1.62
CA ARG B 199 8.23 7.27 -1.27
C ARG B 199 7.23 8.08 -2.11
N LEU B 200 7.60 9.29 -2.50
CA LEU B 200 6.78 10.16 -3.35
C LEU B 200 6.59 9.54 -4.69
N LYS B 201 7.61 8.86 -5.16
CA LYS B 201 7.67 8.36 -6.52
C LYS B 201 7.12 6.95 -6.71
N ARG B 202 6.67 6.38 -5.60
CA ARG B 202 6.06 5.05 -5.48
C ARG B 202 7.03 3.93 -5.88
N ILE B 203 8.31 4.17 -5.68
CA ILE B 203 9.34 3.20 -5.95
C ILE B 203 9.61 2.43 -4.69
N PRO B 204 9.01 1.26 -4.55
CA PRO B 204 8.85 0.68 -3.24
C PRO B 204 10.07 -0.06 -2.77
N CYS B 205 10.94 0.62 -2.03
CA CYS B 205 12.18 0.01 -1.52
C CYS B 205 12.83 0.54 -0.23
N ASP B 206 12.60 -0.10 0.93
CA ASP B 206 13.46 -0.94 1.86
C ASP B 206 14.75 -0.60 2.64
N VAL B 207 15.87 -1.21 2.26
CA VAL B 207 17.13 -0.69 2.71
C VAL B 207 17.23 0.58 1.93
N ILE B 208 17.66 1.61 2.57
CA ILE B 208 18.17 2.71 1.84
C ILE B 208 19.37 2.84 2.67
N TRP B 209 20.22 1.84 2.71
CA TRP B 209 21.38 1.99 3.54
C TRP B 209 22.04 3.15 2.86
N MET B 210 22.89 3.87 3.57
CA MET B 210 23.55 5.02 3.01
C MET B 210 25.04 4.90 3.22
N ASP B 211 25.88 5.45 2.35
CA ASP B 211 25.67 6.61 1.49
C ASP B 211 26.58 7.69 2.05
N ILE B 212 27.62 7.99 1.29
CA ILE B 212 28.63 8.98 1.64
C ILE B 212 29.51 8.28 2.66
N ASP B 213 30.56 8.94 3.14
CA ASP B 213 31.33 8.34 4.18
C ASP B 213 31.09 9.05 5.48
N TYR B 214 30.47 8.30 6.37
CA TYR B 214 30.00 8.82 7.63
C TYR B 214 31.08 9.22 8.60
N MET B 215 32.28 8.67 8.42
CA MET B 215 33.17 8.53 9.55
C MET B 215 33.66 9.87 10.13
N ASP B 216 34.97 10.06 10.33
CA ASP B 216 35.47 11.40 10.68
C ASP B 216 36.80 11.63 10.04
N GLY B 217 37.79 10.98 10.61
CA GLY B 217 39.05 10.88 9.93
C GLY B 217 38.90 10.02 8.69
N TYR B 218 37.73 9.42 8.60
CA TYR B 218 37.46 8.16 7.94
C TYR B 218 38.19 7.05 8.64
N ARG B 219 38.35 7.23 9.95
CA ARG B 219 38.66 6.17 10.91
C ARG B 219 37.44 5.32 11.19
N ILE B 220 37.66 4.04 11.39
CA ILE B 220 36.56 3.12 11.59
C ILE B 220 35.83 3.38 12.90
N PHE B 221 34.56 3.00 12.92
CA PHE B 221 33.70 3.06 14.10
C PHE B 221 33.52 4.46 14.65
N THR B 222 33.52 5.43 13.77
CA THR B 222 33.32 6.83 14.12
C THR B 222 32.31 7.40 13.14
N PHE B 223 31.82 8.61 13.37
CA PHE B 223 30.86 9.20 12.42
C PHE B 223 31.32 10.49 11.70
N ASN B 224 31.35 11.62 12.38
CA ASN B 224 30.34 12.14 13.24
C ASN B 224 30.11 13.58 12.78
N PRO B 225 31.13 14.42 12.82
CA PRO B 225 30.92 15.86 12.63
C PRO B 225 30.37 16.27 11.25
N LYS B 226 30.54 15.46 10.22
CA LYS B 226 30.11 15.89 8.91
C LYS B 226 28.59 16.08 8.96
N SER B 227 27.90 15.26 8.21
CA SER B 227 26.51 15.02 8.42
C SER B 227 26.65 14.01 9.52
N PHE B 228 25.58 13.32 9.89
CA PHE B 228 25.77 12.39 10.98
C PHE B 228 26.17 13.14 12.23
N PRO B 229 25.56 14.29 12.48
CA PRO B 229 25.78 14.98 13.73
C PRO B 229 25.19 14.16 14.86
N ASN B 230 23.96 13.72 14.67
CA ASN B 230 23.39 12.70 15.52
C ASN B 230 23.22 11.44 14.71
N PRO B 231 24.05 10.46 14.96
CA PRO B 231 24.02 9.19 14.24
C PRO B 231 22.71 8.45 14.47
N LYS B 232 22.13 8.68 15.65
CA LYS B 232 20.87 8.03 16.03
C LYS B 232 19.69 8.63 15.26
N ALA B 233 19.71 9.93 15.08
CA ALA B 233 18.63 10.62 14.37
C ALA B 233 18.34 9.97 13.03
N VAL B 234 19.32 10.03 12.12
CA VAL B 234 19.15 9.47 10.78
C VAL B 234 18.53 8.06 10.68
N ASN B 235 18.92 7.14 11.54
CA ASN B 235 18.34 5.78 11.51
C ASN B 235 16.89 5.70 11.96
N ARG B 236 16.60 6.37 13.06
CA ARG B 236 15.27 6.48 13.57
C ARG B 236 14.46 7.20 12.51
N ASP B 237 15.08 8.19 11.91
CA ASP B 237 14.42 8.96 10.89
C ASP B 237 14.06 8.02 9.75
N LEU B 238 14.98 7.14 9.42
CA LEU B 238 14.76 6.05 8.47
C LEU B 238 13.79 4.94 8.84
N HIS B 239 13.83 4.50 10.09
CA HIS B 239 12.93 3.45 10.58
C HIS B 239 11.46 3.85 10.56
N ILE B 240 11.17 5.12 10.85
CA ILE B 240 9.81 5.68 10.80
C ILE B 240 9.28 5.63 9.38
N ARG B 241 10.17 5.92 8.46
CA ARG B 241 9.90 6.00 7.05
C ARG B 241 9.94 4.64 6.35
N GLY B 242 10.07 3.56 7.12
CA GLY B 242 10.00 2.20 6.60
C GLY B 242 11.27 1.53 6.09
N PHE B 243 12.38 2.01 6.59
CA PHE B 243 13.67 1.79 6.00
C PHE B 243 14.58 1.20 7.01
N HIS B 244 15.70 0.69 6.54
CA HIS B 244 16.71 0.13 7.41
C HIS B 244 18.09 0.66 7.09
N SER B 245 18.83 1.04 8.12
CA SER B 245 20.21 1.45 7.96
C SER B 245 21.23 0.30 7.72
N ALA B 246 22.14 0.51 6.80
CA ALA B 246 23.34 -0.30 6.66
C ALA B 246 24.54 0.61 6.57
N TRP B 247 25.55 0.34 7.37
CA TRP B 247 26.75 1.15 7.35
C TRP B 247 27.96 0.29 7.15
N MET B 248 28.94 0.81 6.42
CA MET B 248 30.20 0.13 6.15
C MET B 248 31.25 0.23 7.25
N ILE B 249 32.09 -0.80 7.34
CA ILE B 249 33.28 -0.80 8.18
C ILE B 249 34.46 -1.35 7.37
N ASP B 250 35.66 -0.99 7.78
CA ASP B 250 36.89 -1.38 7.11
C ASP B 250 37.80 -1.87 8.22
N PRO B 251 38.79 -2.70 7.91
CA PRO B 251 39.67 -3.17 8.96
C PRO B 251 40.84 -2.24 9.26
N GLY B 252 41.13 -1.29 8.38
CA GLY B 252 42.24 -0.35 8.54
C GLY B 252 42.19 0.74 9.60
N ALA B 253 43.36 1.07 10.15
CA ALA B 253 43.47 2.02 11.25
C ALA B 253 44.53 3.14 11.11
N LYS B 254 44.14 4.39 11.35
CA LYS B 254 45.01 5.57 11.37
C LYS B 254 45.83 5.61 12.66
N VAL B 255 47.03 6.20 12.67
CA VAL B 255 48.00 5.89 13.75
C VAL B 255 48.73 6.97 14.61
N ASP B 256 48.02 7.66 15.50
CA ASP B 256 48.63 8.57 16.48
C ASP B 256 47.80 8.90 17.72
N PRO B 257 48.33 9.71 18.62
CA PRO B 257 48.03 9.60 20.04
C PRO B 257 46.58 9.74 20.44
N ASN B 258 45.84 10.72 19.91
CA ASN B 258 44.47 10.92 20.32
C ASN B 258 43.46 10.06 19.52
N TYR B 259 43.12 8.91 20.08
CA TYR B 259 42.28 7.93 19.41
C TYR B 259 41.73 6.93 20.42
N PHE B 260 40.60 6.31 20.10
CA PHE B 260 40.14 5.12 20.81
C PHE B 260 40.38 3.89 19.95
N VAL B 261 40.16 4.07 18.67
CA VAL B 261 40.24 2.98 17.72
C VAL B 261 41.64 2.38 17.57
N TYR B 262 42.67 3.21 17.51
CA TYR B 262 44.05 2.75 17.40
C TYR B 262 44.65 2.42 18.78
N LYS B 263 44.08 1.45 19.45
CA LYS B 263 44.07 1.37 20.91
C LYS B 263 42.62 1.21 21.33
N SER B 264 42.29 0.01 21.75
CA SER B 264 43.22 -0.88 22.39
C SER B 264 44.21 -1.67 21.52
N GLY B 265 45.30 -1.03 21.14
CA GLY B 265 46.59 -1.68 20.95
C GLY B 265 47.24 -1.63 22.32
N THR B 266 46.89 -2.57 23.17
CA THR B 266 47.67 -2.80 24.39
C THR B 266 47.16 -3.96 25.26
N GLU B 267 48.08 -4.67 25.92
CA GLU B 267 47.74 -5.74 26.88
C GLU B 267 47.71 -7.17 26.22
N ASN B 268 47.88 -7.19 24.91
CA ASN B 268 47.70 -8.40 24.13
C ASN B 268 47.03 -7.91 22.88
N ASP B 269 47.66 -6.93 22.27
CA ASP B 269 47.06 -6.14 21.22
C ASP B 269 47.19 -6.63 19.77
N VAL B 270 46.31 -6.08 18.95
CA VAL B 270 46.06 -6.38 17.53
C VAL B 270 47.08 -5.71 16.67
N TRP B 271 46.96 -5.96 15.38
CA TRP B 271 47.79 -5.37 14.34
C TRP B 271 48.59 -6.52 13.82
N VAL B 272 48.54 -6.75 12.52
CA VAL B 272 49.03 -8.01 11.96
C VAL B 272 50.51 -8.04 12.07
N LYS B 273 51.05 -9.24 11.87
CA LYS B 273 52.45 -9.52 12.09
C LYS B 273 53.07 -8.98 10.84
N THR B 274 52.86 -7.69 10.61
CA THR B 274 52.97 -7.19 9.26
C THR B 274 54.37 -7.39 8.72
N ALA B 275 55.33 -6.90 9.48
CA ALA B 275 56.74 -6.97 9.09
C ALA B 275 57.49 -7.81 10.10
N ASP B 276 58.26 -8.78 9.62
CA ASP B 276 58.83 -9.73 10.52
C ASP B 276 59.65 -8.90 11.43
N GLY B 277 59.51 -9.24 12.71
CA GLY B 277 59.65 -8.31 13.78
C GLY B 277 58.24 -7.87 14.15
N LYS B 278 57.89 -6.62 13.83
CA LYS B 278 56.71 -5.96 14.39
C LYS B 278 55.78 -5.12 13.45
N ASN B 279 54.65 -4.71 14.02
CA ASN B 279 53.56 -3.94 13.39
C ASN B 279 53.85 -2.48 13.03
N PHE B 280 53.32 -2.06 11.89
CA PHE B 280 53.59 -0.73 11.36
C PHE B 280 52.46 -0.20 10.46
N HIS B 281 52.77 0.84 9.71
CA HIS B 281 51.79 1.53 8.90
C HIS B 281 51.34 0.66 7.71
N GLY B 282 50.43 1.21 6.93
CA GLY B 282 49.99 0.63 5.68
C GLY B 282 49.39 1.81 4.95
N ASP B 283 49.00 1.59 3.70
CA ASP B 283 48.34 2.59 2.86
C ASP B 283 46.95 2.12 2.43
N ALA B 284 45.94 2.80 2.94
CA ALA B 284 44.50 2.58 2.67
C ALA B 284 43.68 3.88 2.95
N TRP B 285 42.37 3.88 2.76
CA TRP B 285 41.60 5.14 2.64
C TRP B 285 41.75 6.02 3.86
N PRO B 286 41.86 5.42 5.00
CA PRO B 286 41.91 6.18 6.23
C PRO B 286 43.18 6.99 6.28
N GLY B 287 44.06 6.81 5.30
CA GLY B 287 45.44 7.27 5.43
C GLY B 287 46.31 6.11 5.92
N ALA B 288 47.39 6.38 6.63
CA ALA B 288 48.27 5.28 7.02
C ALA B 288 47.50 4.27 7.87
N ALA B 289 47.67 2.99 7.59
CA ALA B 289 46.74 1.95 8.02
C ALA B 289 47.25 0.79 8.87
N ALA B 290 46.48 0.41 9.89
CA ALA B 290 46.80 -0.77 10.73
C ALA B 290 45.70 -1.84 10.76
N PHE B 291 46.09 -3.08 10.60
CA PHE B 291 45.15 -4.17 10.41
C PHE B 291 45.10 -5.27 11.48
N PRO B 292 43.93 -5.52 12.03
CA PRO B 292 43.81 -6.48 13.13
C PRO B 292 44.07 -7.92 12.73
N ASP B 293 44.59 -8.68 13.67
CA ASP B 293 44.89 -10.07 13.44
C ASP B 293 43.63 -10.85 13.68
N PHE B 294 42.84 -10.98 12.62
CA PHE B 294 41.56 -11.66 12.64
C PHE B 294 41.70 -13.15 12.83
N THR B 295 42.91 -13.64 12.60
CA THR B 295 43.28 -15.00 12.97
C THR B 295 43.25 -15.24 14.48
N SER B 296 43.80 -14.33 15.25
CA SER B 296 43.79 -14.45 16.71
C SER B 296 42.45 -14.14 17.41
N PRO B 297 42.15 -14.90 18.45
CA PRO B 297 40.96 -14.71 19.27
C PRO B 297 40.95 -13.41 20.07
N LYS B 298 42.12 -12.97 20.49
CA LYS B 298 42.25 -11.80 21.32
C LYS B 298 41.75 -10.61 20.58
N VAL B 299 42.08 -10.58 19.29
CA VAL B 299 41.57 -9.59 18.36
C VAL B 299 40.08 -9.72 18.10
N ASN B 300 39.65 -10.93 17.85
CA ASN B 300 38.28 -11.18 17.48
C ASN B 300 37.37 -10.70 18.58
N LYS B 301 37.74 -11.08 19.79
CA LYS B 301 37.05 -10.70 21.01
C LYS B 301 37.08 -9.22 21.24
N TRP B 302 38.24 -8.60 21.06
CA TRP B 302 38.38 -7.16 21.06
C TRP B 302 37.70 -6.54 19.86
N TRP B 303 37.79 -7.17 18.71
CA TRP B 303 37.04 -6.77 17.54
C TRP B 303 35.53 -7.01 17.62
N ARG B 304 35.17 -8.14 18.19
CA ARG B 304 33.79 -8.47 18.42
C ARG B 304 33.24 -7.40 19.33
N ASN B 305 34.10 -6.83 20.18
CA ASN B 305 33.71 -5.94 21.28
C ASN B 305 33.65 -4.44 21.04
N LEU B 306 33.63 -4.04 19.80
CA LEU B 306 33.24 -2.69 19.59
C LEU B 306 31.81 -2.56 20.15
N TYR B 307 31.10 -3.68 20.11
CA TYR B 307 29.90 -4.00 19.38
C TYR B 307 28.73 -3.15 19.74
N LYS B 308 28.57 -2.93 21.03
CA LYS B 308 27.44 -2.24 21.56
C LYS B 308 27.35 -0.81 21.06
N ASP B 309 28.44 -0.07 21.10
CA ASP B 309 28.43 1.35 20.78
C ASP B 309 28.11 1.72 19.35
N PHE B 310 28.73 1.05 18.41
CA PHE B 310 28.45 1.32 17.00
C PHE B 310 27.01 0.95 16.65
N LEU B 311 26.56 -0.19 17.17
CA LEU B 311 25.19 -0.65 16.99
C LEU B 311 24.11 0.17 17.70
N ALA B 312 24.48 0.84 18.78
CA ALA B 312 23.59 1.65 19.57
C ALA B 312 23.04 2.79 18.74
N GLN B 313 23.88 3.24 17.83
CA GLN B 313 23.63 4.41 17.03
C GLN B 313 22.51 4.17 16.03
N GLY B 314 21.98 2.95 16.01
CA GLY B 314 20.92 2.59 15.10
C GLY B 314 21.30 1.87 13.83
N VAL B 315 22.49 1.29 13.81
CA VAL B 315 22.97 0.58 12.63
C VAL B 315 22.17 -0.70 12.39
N ASP B 316 21.71 -0.87 11.17
CA ASP B 316 20.80 -1.93 10.82
C ASP B 316 21.38 -2.70 9.65
N GLY B 317 22.43 -3.46 9.91
CA GLY B 317 23.19 -4.12 8.87
C GLY B 317 24.53 -3.53 8.52
N VAL B 318 25.50 -4.42 8.41
CA VAL B 318 26.87 -4.06 8.11
C VAL B 318 27.48 -4.78 6.90
N TRP B 319 28.15 -4.04 6.03
CA TRP B 319 28.83 -4.62 4.88
C TRP B 319 30.31 -4.35 5.01
N ASN B 320 31.16 -5.27 4.57
CA ASN B 320 32.60 -5.06 4.65
C ASN B 320 33.43 -5.17 3.35
N ASP B 321 34.17 -4.11 3.05
CA ASP B 321 35.05 -4.06 1.90
C ASP B 321 36.44 -3.52 2.22
N VAL B 322 37.32 -3.49 1.22
CA VAL B 322 38.73 -3.16 1.38
C VAL B 322 39.38 -4.40 1.95
N ASN B 323 38.78 -4.86 3.02
CA ASN B 323 38.72 -6.25 3.44
C ASN B 323 39.90 -7.14 3.18
N GLU B 324 40.56 -6.96 2.03
CA GLU B 324 41.52 -7.93 1.54
C GLU B 324 42.79 -8.21 2.32
N PRO B 325 43.53 -7.21 2.80
CA PRO B 325 43.22 -5.77 2.84
C PRO B 325 43.77 -4.96 1.66
N GLN B 326 43.99 -3.66 1.81
CA GLN B 326 44.42 -2.80 0.68
C GLN B 326 45.82 -2.09 0.70
N ILE B 327 46.70 -1.88 -0.35
CA ILE B 327 47.91 -1.36 -1.06
C ILE B 327 49.36 -1.67 -0.63
N ASN B 328 49.81 -1.71 -1.85
CA ASN B 328 51.03 -2.48 -1.93
C ASN B 328 52.20 -1.98 -2.83
N ASP B 329 52.78 -0.83 -2.52
CA ASP B 329 54.02 -0.36 -3.18
C ASP B 329 54.38 1.06 -2.79
N LYS B 346 58.02 -6.47 2.93
CA LYS B 346 56.59 -6.27 2.77
C LYS B 346 56.12 -6.50 1.32
N LEU B 347 55.00 -7.16 1.08
CA LEU B 347 54.56 -7.32 -0.32
C LEU B 347 53.06 -7.28 -0.48
N PRO B 348 52.51 -6.87 -1.63
CA PRO B 348 51.06 -6.71 -1.75
C PRO B 348 50.36 -8.06 -1.74
N ALA B 349 49.43 -8.25 -0.82
CA ALA B 349 49.09 -7.18 0.11
C ALA B 349 49.90 -7.39 1.37
N GLY B 350 50.97 -8.13 1.25
CA GLY B 350 51.74 -8.48 2.40
C GLY B 350 51.96 -9.97 2.51
N THR B 351 52.32 -10.64 1.44
CA THR B 351 52.53 -12.08 1.53
C THR B 351 53.91 -12.12 2.12
N HIS B 352 53.98 -11.55 3.32
CA HIS B 352 55.21 -11.30 4.07
C HIS B 352 55.20 -12.16 5.30
N LEU B 353 54.63 -13.36 5.15
CA LEU B 353 54.49 -14.29 6.25
C LEU B 353 53.27 -15.17 6.03
N GLN B 354 52.11 -14.61 5.83
CA GLN B 354 51.09 -15.50 5.30
C GLN B 354 50.05 -14.86 4.38
N TYR B 355 49.60 -13.69 4.79
CA TYR B 355 48.38 -12.94 4.44
C TYR B 355 47.24 -13.65 3.68
N HIS B 356 46.06 -13.62 4.28
CA HIS B 356 44.76 -13.45 3.66
C HIS B 356 44.35 -14.57 2.78
N ASN B 357 43.27 -14.33 2.05
CA ASN B 357 42.54 -15.32 1.27
C ASN B 357 41.45 -15.91 2.17
N VAL B 358 41.69 -15.81 3.47
CA VAL B 358 40.69 -16.00 4.49
C VAL B 358 40.58 -14.80 5.43
N TYR B 359 41.19 -13.69 5.07
CA TYR B 359 41.10 -12.48 5.87
C TYR B 359 39.70 -11.87 5.99
N GLY B 360 39.03 -11.76 4.86
CA GLY B 360 37.65 -11.34 4.79
C GLY B 360 36.76 -12.33 5.46
N PHE B 361 37.09 -13.60 5.27
CA PHE B 361 36.35 -14.69 5.84
C PHE B 361 36.40 -14.57 7.34
N LEU B 362 37.58 -14.30 7.86
CA LEU B 362 37.84 -14.05 9.28
C LEU B 362 37.28 -12.79 9.90
N MET B 363 37.46 -11.66 9.21
CA MET B 363 36.94 -10.39 9.66
C MET B 363 35.43 -10.41 9.72
N VAL B 364 34.82 -10.92 8.67
CA VAL B 364 33.38 -10.90 8.58
C VAL B 364 32.76 -11.74 9.68
N LYS B 365 33.41 -12.86 9.98
CA LYS B 365 32.94 -13.80 10.97
C LYS B 365 32.90 -13.22 12.38
N ALA B 366 33.96 -12.52 12.78
CA ALA B 366 33.94 -11.68 13.98
C ALA B 366 32.98 -10.52 13.84
N SER B 367 32.97 -9.94 12.67
CA SER B 367 32.14 -8.80 12.42
C SER B 367 30.71 -9.22 12.68
N ARG B 368 30.43 -10.50 12.45
CA ARG B 368 29.18 -11.15 12.84
C ARG B 368 28.92 -11.39 14.31
N GLU B 369 29.93 -11.87 15.00
CA GLU B 369 29.81 -12.29 16.38
C GLU B 369 29.46 -11.11 17.23
N GLY B 370 30.07 -9.99 16.90
CA GLY B 370 29.86 -8.73 17.58
C GLY B 370 28.46 -8.24 17.45
N ILE B 371 27.89 -8.42 16.27
CA ILE B 371 26.53 -8.02 16.06
C ILE B 371 25.60 -8.80 16.96
N LEU B 372 25.68 -10.11 16.88
CA LEU B 372 24.87 -11.03 17.63
C LEU B 372 25.10 -10.84 19.11
N ASP B 373 26.34 -10.49 19.43
CA ASP B 373 26.76 -10.21 20.76
C ASP B 373 25.96 -9.03 21.24
N ALA B 374 25.89 -8.00 20.42
CA ALA B 374 25.23 -6.76 20.77
C ALA B 374 23.76 -6.60 20.44
N ARG B 375 23.22 -7.41 19.55
CA ARG B 375 21.81 -7.25 19.27
C ARG B 375 21.00 -8.43 19.76
N PRO B 376 19.79 -8.12 20.25
CA PRO B 376 18.92 -9.07 20.93
C PRO B 376 18.07 -9.99 20.07
N GLU B 377 18.69 -11.00 19.50
CA GLU B 377 17.96 -11.98 18.74
C GLU B 377 17.11 -11.46 17.60
N LYS B 378 17.77 -10.82 16.65
CA LYS B 378 17.24 -10.55 15.33
C LYS B 378 18.36 -11.04 14.53
N ARG B 379 18.14 -11.28 13.25
CA ARG B 379 19.21 -11.79 12.41
C ARG B 379 20.12 -10.73 11.86
N PRO B 380 21.41 -10.92 12.07
CA PRO B 380 22.38 -10.01 11.47
C PRO B 380 22.35 -10.04 9.96
N PHE B 381 22.39 -8.89 9.35
CA PHE B 381 22.61 -8.83 7.93
C PHE B 381 24.00 -8.28 7.62
N ILE B 382 24.93 -9.20 7.44
CA ILE B 382 26.32 -8.88 7.30
C ILE B 382 26.78 -9.33 5.91
N LEU B 383 27.56 -8.47 5.28
CA LEU B 383 28.08 -8.67 3.93
C LEU B 383 29.55 -8.40 3.91
N THR B 384 30.26 -9.09 3.06
CA THR B 384 31.68 -8.88 2.96
C THR B 384 31.99 -8.75 1.49
N ARG B 385 32.96 -7.93 1.13
CA ARG B 385 33.54 -8.00 -0.20
C ARG B 385 34.33 -9.27 -0.41
N SER B 386 35.20 -9.58 0.53
CA SER B 386 36.20 -10.61 0.37
C SER B 386 35.93 -11.81 1.24
N ASN B 387 36.02 -12.99 0.67
CA ASN B 387 35.98 -14.19 1.47
C ASN B 387 36.40 -15.46 0.76
N PHE B 388 36.07 -16.57 1.39
CA PHE B 388 36.52 -17.89 1.01
C PHE B 388 35.30 -18.79 0.98
N LEU B 389 35.41 -19.97 0.42
CA LEU B 389 34.27 -20.85 0.30
C LEU B 389 33.80 -21.30 1.69
N GLY B 390 32.51 -21.45 1.86
CA GLY B 390 31.92 -21.66 3.16
C GLY B 390 31.67 -20.37 3.93
N GLY B 391 32.00 -19.25 3.34
CA GLY B 391 31.78 -17.93 3.93
C GLY B 391 30.31 -17.60 4.09
N GLN B 392 29.52 -18.31 3.31
CA GLN B 392 28.09 -18.18 3.21
C GLN B 392 27.46 -18.52 4.55
N ARG B 393 28.20 -19.22 5.38
CA ARG B 393 27.88 -19.42 6.78
C ARG B 393 27.91 -18.16 7.63
N TYR B 394 28.79 -17.22 7.31
CA TYR B 394 28.82 -15.98 8.05
C TYR B 394 28.46 -14.72 7.26
N ALA B 395 28.51 -14.78 5.94
CA ALA B 395 28.34 -13.57 5.18
C ALA B 395 27.77 -13.74 3.76
N ALA B 396 27.27 -12.64 3.22
CA ALA B 396 26.87 -12.55 1.85
C ALA B 396 27.67 -11.49 1.13
N THR B 397 27.60 -11.50 -0.18
CA THR B 397 28.53 -10.75 -1.01
C THR B 397 27.86 -9.92 -2.11
N TRP B 398 28.61 -8.99 -2.67
CA TRP B 398 28.15 -8.24 -3.79
C TRP B 398 29.21 -8.30 -4.86
N THR B 399 28.83 -8.24 -6.12
CA THR B 399 29.84 -8.39 -7.15
C THR B 399 30.50 -7.08 -7.42
N GLY B 400 31.71 -6.98 -6.90
CA GLY B 400 32.73 -6.06 -7.33
C GLY B 400 32.48 -4.62 -7.03
N ASP B 401 33.26 -3.80 -7.70
CA ASP B 401 32.91 -2.44 -7.89
C ASP B 401 32.36 -2.59 -9.26
N ASN B 402 31.13 -2.15 -9.45
CA ASN B 402 30.46 -2.38 -10.72
C ASN B 402 30.97 -1.52 -11.88
N GLY B 403 30.54 -1.88 -13.07
CA GLY B 403 30.70 -1.02 -14.21
C GLY B 403 29.34 -0.59 -14.72
N SER B 404 29.17 0.71 -14.84
CA SER B 404 28.01 1.25 -15.53
C SER B 404 28.26 1.15 -17.07
N CYS B 405 29.25 0.34 -17.36
CA CYS B 405 29.66 -0.08 -18.67
C CYS B 405 28.59 -0.99 -19.22
N TRP B 406 28.45 -1.03 -20.54
CA TRP B 406 27.49 -1.90 -21.18
C TRP B 406 27.76 -3.37 -20.96
N ASP B 407 29.03 -3.73 -20.91
CA ASP B 407 29.42 -5.11 -20.78
C ASP B 407 29.63 -5.59 -19.36
N HIS B 408 29.61 -4.69 -18.39
CA HIS B 408 29.41 -5.04 -16.98
C HIS B 408 28.00 -5.47 -16.64
N LEU B 409 27.03 -4.84 -17.27
CA LEU B 409 25.64 -5.13 -17.04
C LEU B 409 25.46 -6.58 -17.41
N LYS B 410 26.22 -6.96 -18.42
CA LYS B 410 26.31 -8.31 -18.96
C LYS B 410 26.98 -9.39 -18.10
N MET B 411 28.15 -9.08 -17.56
CA MET B 411 28.98 -10.04 -16.84
C MET B 411 28.41 -10.38 -15.50
N SER B 412 27.39 -9.61 -15.15
CA SER B 412 26.68 -9.74 -13.90
C SER B 412 25.95 -11.07 -13.76
N VAL B 413 25.27 -11.49 -14.80
CA VAL B 413 24.60 -12.77 -14.77
C VAL B 413 25.62 -13.87 -14.63
N PRO B 414 26.67 -13.83 -15.42
CA PRO B 414 27.69 -14.86 -15.32
C PRO B 414 28.30 -14.85 -13.94
N MET B 415 28.52 -13.68 -13.39
CA MET B 415 29.07 -13.55 -12.05
C MET B 415 28.27 -14.03 -10.87
N SER B 416 26.99 -13.68 -10.83
CA SER B 416 26.12 -14.07 -9.74
C SER B 416 25.39 -15.36 -10.04
N LEU B 417 25.56 -15.87 -11.25
CA LEU B 417 25.30 -17.26 -11.52
C LEU B 417 26.31 -18.20 -10.89
N THR B 418 27.57 -17.87 -11.06
CA THR B 418 28.71 -18.66 -10.64
C THR B 418 28.81 -18.86 -9.13
N LEU B 419 28.51 -17.82 -8.37
CA LEU B 419 28.66 -17.85 -6.93
C LEU B 419 27.77 -18.88 -6.27
N GLY B 420 26.58 -19.03 -6.80
CA GLY B 420 25.67 -20.06 -6.36
C GLY B 420 26.20 -21.42 -6.63
N LEU B 421 26.82 -21.62 -7.78
CA LEU B 421 27.42 -22.89 -8.13
C LEU B 421 28.58 -23.19 -7.18
N SER B 422 29.02 -22.13 -6.53
CA SER B 422 30.04 -22.12 -5.51
C SER B 422 29.47 -22.00 -4.10
N GLY B 423 28.19 -22.24 -3.96
CA GLY B 423 27.57 -22.35 -2.66
C GLY B 423 27.14 -21.11 -1.92
N GLN B 424 27.36 -19.93 -2.49
CA GLN B 424 26.99 -18.69 -1.87
C GLN B 424 25.71 -18.13 -2.46
N PRO B 425 24.58 -18.37 -1.80
CA PRO B 425 23.26 -18.05 -2.33
C PRO B 425 22.97 -16.58 -2.58
N PHE B 426 23.47 -15.72 -1.73
CA PHE B 426 23.12 -14.33 -1.78
C PHE B 426 24.22 -13.41 -2.33
N SER B 427 24.05 -12.98 -3.56
CA SER B 427 24.97 -12.10 -4.24
C SER B 427 24.17 -11.14 -5.11
N GLY B 428 24.72 -10.00 -5.43
CA GLY B 428 24.03 -9.12 -6.35
C GLY B 428 24.99 -8.16 -6.98
N ALA B 429 24.63 -7.69 -8.16
CA ALA B 429 25.41 -6.63 -8.80
C ALA B 429 24.94 -5.22 -8.43
N ASP B 430 25.87 -4.28 -8.52
CA ASP B 430 25.73 -2.88 -8.13
C ASP B 430 24.69 -2.14 -8.94
N ILE B 431 24.45 -2.56 -10.16
CA ILE B 431 23.52 -1.85 -11.03
C ILE B 431 24.09 -0.54 -11.58
N GLY B 432 24.69 0.29 -10.71
CA GLY B 432 25.31 1.54 -11.14
C GLY B 432 26.82 1.75 -10.98
N GLY B 433 27.26 3.02 -10.96
CA GLY B 433 28.52 3.50 -10.35
C GLY B 433 29.83 3.82 -11.08
N PHE B 434 30.54 4.88 -10.65
CA PHE B 434 31.65 5.56 -11.41
C PHE B 434 31.62 5.20 -12.87
N LEU B 435 31.64 5.01 -12.84
CA LEU B 435 32.06 4.48 -14.15
C LEU B 435 31.36 5.12 -15.38
N PHE B 436 31.48 6.44 -15.39
CA PHE B 436 30.89 7.25 -16.44
C PHE B 436 29.48 7.49 -15.97
N ASN B 437 28.99 8.71 -16.14
CA ASN B 437 27.67 9.07 -15.65
C ASN B 437 26.64 7.95 -15.72
N ALA B 438 27.00 6.85 -16.38
CA ALA B 438 26.05 5.76 -16.60
C ALA B 438 24.99 6.28 -17.57
N ASP B 439 24.72 5.53 -18.63
CA ASP B 439 23.88 6.07 -19.67
C ASP B 439 22.47 6.14 -19.16
N ALA B 440 21.63 6.87 -19.88
CA ALA B 440 20.23 6.86 -19.58
C ALA B 440 19.63 5.51 -19.86
N ASP B 441 19.84 5.01 -21.07
CA ASP B 441 19.28 3.73 -21.49
C ASP B 441 20.11 2.51 -21.11
N LEU B 442 21.33 2.72 -20.62
CA LEU B 442 22.06 1.64 -19.98
C LEU B 442 21.41 1.21 -18.68
N PHE B 443 21.05 2.17 -17.86
CA PHE B 443 20.46 1.90 -16.55
C PHE B 443 19.13 1.18 -16.65
N GLY B 444 18.35 1.56 -17.64
CA GLY B 444 17.03 1.00 -17.86
C GLY B 444 17.04 -0.47 -18.20
N ASN B 445 18.03 -0.90 -18.95
CA ASN B 445 18.25 -2.32 -19.16
C ASN B 445 18.73 -3.05 -17.92
N TRP B 446 19.58 -2.39 -17.13
CA TRP B 446 20.15 -2.96 -15.91
C TRP B 446 19.20 -3.24 -14.75
N ILE B 447 18.35 -2.28 -14.47
CA ILE B 447 17.32 -2.45 -13.46
C ILE B 447 16.37 -3.49 -13.97
N GLY B 448 16.31 -3.65 -15.28
CA GLY B 448 15.37 -4.53 -15.96
C GLY B 448 15.44 -6.01 -15.66
N PHE B 449 16.64 -6.55 -15.49
CA PHE B 449 16.82 -7.88 -14.98
C PHE B 449 17.41 -7.92 -13.55
N GLY B 450 18.00 -6.82 -13.10
CA GLY B 450 18.67 -6.71 -11.83
C GLY B 450 17.76 -6.89 -10.63
N ALA B 451 16.48 -6.65 -10.85
CA ALA B 451 15.47 -6.83 -9.83
C ALA B 451 15.40 -8.28 -9.44
N PHE B 452 15.97 -9.13 -10.27
CA PHE B 452 15.90 -10.54 -10.05
C PHE B 452 17.16 -11.12 -9.43
N TYR B 453 18.07 -10.24 -9.01
CA TYR B 453 19.24 -10.67 -8.27
C TYR B 453 18.77 -11.17 -6.92
N PRO B 454 19.54 -12.03 -6.26
CA PRO B 454 19.17 -12.36 -4.88
C PRO B 454 19.21 -11.11 -4.07
N PHE B 455 20.27 -10.36 -4.25
CA PHE B 455 20.38 -9.08 -3.64
C PHE B 455 20.65 -8.03 -4.72
N ALA B 456 19.79 -7.04 -4.80
CA ALA B 456 19.99 -5.95 -5.73
C ALA B 456 20.29 -4.62 -5.02
N ARG B 457 21.16 -3.81 -5.60
CA ARG B 457 21.45 -2.50 -5.04
C ARG B 457 21.93 -1.48 -6.06
N GLY B 458 21.88 -0.22 -5.66
CA GLY B 458 22.42 0.89 -6.44
C GLY B 458 23.49 1.57 -5.62
N HIS B 459 24.61 1.93 -6.23
CA HIS B 459 25.74 2.49 -5.48
C HIS B 459 27.01 2.61 -6.38
N ALA B 460 28.13 2.80 -5.70
CA ALA B 460 29.48 2.52 -6.16
C ALA B 460 30.49 3.65 -6.11
N CYS B 461 30.02 4.86 -5.95
CA CYS B 461 30.72 6.03 -6.42
C CYS B 461 32.05 6.29 -5.76
N ALA B 462 32.92 6.89 -6.55
CA ALA B 462 34.16 7.48 -6.08
C ALA B 462 33.95 9.00 -5.96
N GLY B 463 32.69 9.39 -5.80
CA GLY B 463 32.34 10.79 -5.60
C GLY B 463 31.98 11.64 -6.80
N THR B 464 31.76 10.98 -7.94
CA THR B 464 31.33 11.65 -9.16
C THR B 464 30.10 11.00 -9.78
N ASN B 465 29.10 11.78 -10.15
CA ASN B 465 27.96 11.26 -10.90
C ASN B 465 26.86 10.73 -9.99
N ASN B 466 25.68 10.54 -10.57
CA ASN B 466 24.52 10.20 -9.79
C ASN B 466 23.86 8.94 -10.29
N LYS B 467 23.69 7.99 -9.38
CA LYS B 467 22.84 6.82 -9.58
C LYS B 467 21.49 7.28 -9.13
N GLU B 468 20.53 6.37 -9.14
CA GLU B 468 19.16 6.61 -8.65
C GLU B 468 18.17 6.78 -9.77
N PRO B 469 16.97 6.26 -9.61
CA PRO B 469 16.03 6.04 -10.72
C PRO B 469 15.27 7.28 -11.15
N TRP B 470 15.73 8.45 -10.73
CA TRP B 470 15.03 9.70 -11.01
C TRP B 470 15.94 10.79 -11.53
N VAL B 471 15.43 11.62 -12.42
CA VAL B 471 16.29 12.65 -13.00
C VAL B 471 17.51 11.92 -13.64
N PHE B 472 17.31 10.61 -13.70
CA PHE B 472 18.04 9.66 -14.53
C PHE B 472 17.13 9.34 -15.71
N GLY B 473 16.33 10.34 -16.02
CA GLY B 473 15.19 10.27 -16.90
C GLY B 473 13.90 10.30 -16.12
N GLN B 474 12.84 10.80 -16.75
CA GLN B 474 11.47 10.44 -16.49
C GLN B 474 11.13 9.00 -16.92
N LYS B 475 11.72 8.60 -18.04
CA LYS B 475 11.42 7.33 -18.69
C LYS B 475 11.83 6.11 -17.90
N VAL B 476 13.05 6.17 -17.38
CA VAL B 476 13.65 5.12 -16.55
C VAL B 476 12.95 4.97 -15.20
N GLU B 477 12.41 6.07 -14.73
CA GLU B 477 11.77 6.14 -13.44
C GLU B 477 10.64 5.17 -13.47
N ASP B 478 10.01 5.14 -14.60
CA ASP B 478 8.99 4.19 -14.90
C ASP B 478 9.53 2.75 -14.97
N ALA B 479 10.71 2.60 -15.54
CA ALA B 479 11.34 1.30 -15.67
C ALA B 479 11.65 0.71 -14.31
N SER B 480 12.18 1.54 -13.45
CA SER B 480 12.48 1.12 -12.10
C SER B 480 11.22 0.76 -11.38
N ARG B 481 10.20 1.57 -11.53
CA ARG B 481 9.00 1.29 -10.79
C ARG B 481 8.37 -0.01 -11.19
N ILE B 482 8.17 -0.25 -12.47
CA ILE B 482 7.50 -1.45 -12.90
C ILE B 482 8.28 -2.69 -12.52
N ALA B 483 9.59 -2.63 -12.68
CA ALA B 483 10.42 -3.73 -12.29
C ALA B 483 10.46 -4.03 -10.80
N LEU B 484 10.74 -3.05 -9.97
CA LEU B 484 10.86 -3.25 -8.53
C LEU B 484 9.57 -3.71 -7.92
N GLU B 485 8.48 -3.26 -8.51
CA GLU B 485 7.19 -3.74 -8.14
C GLU B 485 7.11 -5.21 -8.47
N ARG B 486 7.74 -5.58 -9.57
CA ARG B 486 7.71 -6.94 -10.01
C ARG B 486 8.36 -7.82 -8.97
N ARG B 487 9.53 -7.44 -8.53
CA ARG B 487 10.25 -8.17 -7.51
C ARG B 487 9.55 -8.25 -6.17
N TYR B 488 9.02 -7.13 -5.69
CA TYR B 488 8.32 -7.00 -4.40
C TYR B 488 7.02 -7.81 -4.31
N ILE B 489 6.27 -7.93 -5.40
CA ILE B 489 5.20 -8.92 -5.53
C ILE B 489 5.78 -10.34 -5.49
N LEU B 490 7.02 -10.47 -5.89
CA LEU B 490 7.68 -11.73 -5.97
C LEU B 490 8.24 -12.13 -4.61
N LEU B 491 8.04 -11.28 -3.62
CA LEU B 491 8.74 -11.32 -2.36
C LEU B 491 8.53 -12.64 -1.64
N PRO B 492 7.32 -13.16 -1.64
CA PRO B 492 7.09 -14.43 -0.96
C PRO B 492 7.88 -15.58 -1.56
N TYR B 493 7.99 -15.62 -2.87
CA TYR B 493 8.72 -16.64 -3.60
C TYR B 493 10.25 -16.62 -3.36
N PHE B 494 10.81 -15.43 -3.37
CA PHE B 494 12.20 -15.20 -3.10
C PHE B 494 12.54 -15.66 -1.68
N TYR B 495 11.60 -15.43 -0.78
CA TYR B 495 11.68 -15.81 0.62
C TYR B 495 11.71 -17.30 0.92
N THR B 496 10.90 -18.04 0.20
CA THR B 496 10.95 -19.47 0.24
C THR B 496 12.27 -19.91 -0.29
N LEU B 497 12.67 -19.30 -1.40
CA LEU B 497 13.89 -19.65 -2.12
C LEU B 497 15.11 -19.41 -1.23
N LEU B 498 15.07 -18.30 -0.52
CA LEU B 498 16.07 -17.93 0.45
C LEU B 498 16.14 -18.81 1.69
N HIS B 499 15.00 -19.31 2.12
CA HIS B 499 14.89 -20.31 3.15
C HIS B 499 15.47 -21.67 2.78
N GLU B 500 15.25 -22.09 1.53
CA GLU B 500 15.80 -23.33 0.99
C GLU B 500 17.32 -23.25 0.96
N ALA B 501 17.82 -22.04 0.71
CA ALA B 501 19.22 -21.70 0.65
C ALA B 501 19.89 -21.69 2.02
N SER B 502 19.06 -21.83 3.04
CA SER B 502 19.44 -21.98 4.43
C SER B 502 19.47 -23.42 4.82
N THR B 503 18.90 -24.25 3.98
CA THR B 503 18.74 -25.65 4.25
C THR B 503 19.49 -26.49 3.23
N ASN B 504 19.95 -25.84 2.18
CA ASN B 504 20.45 -26.56 1.03
C ASN B 504 21.77 -26.03 0.56
N GLY B 505 21.74 -24.74 0.33
CA GLY B 505 22.77 -24.00 -0.34
C GLY B 505 22.38 -23.71 -1.76
N MET B 506 21.35 -24.38 -2.23
CA MET B 506 20.97 -24.33 -3.60
C MET B 506 20.65 -22.92 -4.00
N PRO B 507 21.31 -22.40 -5.02
CA PRO B 507 21.21 -20.98 -5.34
C PRO B 507 19.84 -20.45 -5.78
N ILE B 508 19.56 -19.23 -5.34
CA ILE B 508 18.32 -18.51 -5.62
C ILE B 508 18.18 -18.15 -7.09
N MET B 509 19.28 -17.65 -7.64
CA MET B 509 19.42 -17.28 -9.05
C MET B 509 20.14 -18.43 -9.74
N ARG B 510 19.44 -19.02 -10.69
CA ARG B 510 19.78 -20.28 -11.26
C ARG B 510 20.17 -20.15 -12.72
N PRO B 511 21.01 -21.03 -13.21
CA PRO B 511 21.21 -21.13 -14.66
C PRO B 511 20.03 -21.82 -15.35
N VAL B 512 19.90 -21.63 -16.66
CA VAL B 512 18.86 -22.27 -17.48
C VAL B 512 18.98 -23.80 -17.46
N PHE B 513 20.21 -24.27 -17.50
CA PHE B 513 20.58 -25.66 -17.68
C PHE B 513 20.09 -26.61 -16.58
N PHE B 514 19.80 -26.07 -15.41
CA PHE B 514 19.23 -26.82 -14.31
C PHE B 514 17.87 -27.34 -14.74
N SER B 515 17.28 -26.62 -15.67
CA SER B 515 15.99 -26.95 -16.20
C SER B 515 15.98 -28.28 -16.90
N ASP B 516 16.92 -28.48 -17.80
CA ASP B 516 17.11 -29.75 -18.45
C ASP B 516 18.58 -30.11 -18.39
N PRO B 517 19.05 -30.62 -17.26
CA PRO B 517 20.47 -30.93 -17.11
C PRO B 517 20.90 -31.97 -18.12
N LYS B 518 19.94 -32.74 -18.59
CA LYS B 518 20.10 -33.72 -19.65
C LYS B 518 19.82 -33.01 -20.97
N ASP B 519 20.18 -31.73 -20.98
CA ASP B 519 20.20 -30.94 -22.18
C ASP B 519 21.53 -30.24 -22.42
N LEU B 520 22.07 -30.41 -23.63
CA LEU B 520 23.28 -29.71 -24.03
C LEU B 520 22.98 -28.45 -24.77
N SER B 521 21.73 -28.21 -25.12
CA SER B 521 21.38 -26.94 -25.75
C SER B 521 21.63 -25.84 -24.77
N LEU B 522 21.36 -26.13 -23.52
CA LEU B 522 21.70 -25.27 -22.40
C LEU B 522 23.08 -25.67 -22.01
N ARG B 523 23.68 -24.88 -21.13
CA ARG B 523 24.90 -25.21 -20.44
C ARG B 523 25.95 -24.16 -20.60
N ALA B 524 25.84 -23.33 -21.62
CA ALA B 524 26.79 -22.27 -21.80
C ALA B 524 26.18 -20.89 -21.63
N GLU B 525 24.93 -20.84 -21.20
CA GLU B 525 24.07 -19.69 -21.35
C GLU B 525 24.14 -18.67 -20.21
N GLU B 526 24.73 -17.54 -20.53
CA GLU B 526 24.98 -16.51 -19.55
C GLU B 526 23.96 -15.42 -19.65
N GLU B 527 22.86 -15.71 -20.32
CA GLU B 527 21.93 -14.67 -20.70
C GLU B 527 20.61 -14.72 -20.01
N ALA B 528 19.93 -15.85 -20.12
CA ALA B 528 18.62 -16.02 -19.53
C ALA B 528 18.71 -16.94 -18.32
N PHE B 529 18.28 -16.44 -17.17
CA PHE B 529 18.53 -17.14 -15.91
C PHE B 529 17.26 -17.48 -15.13
N LEU B 530 17.34 -18.46 -14.25
CA LEU B 530 16.22 -18.84 -13.43
C LEU B 530 16.12 -18.06 -12.11
N VAL B 531 14.90 -17.82 -11.65
CA VAL B 531 14.71 -17.37 -10.29
C VAL B 531 13.94 -18.46 -9.60
N GLY B 532 14.71 -19.36 -9.01
CA GLY B 532 14.22 -20.64 -8.56
C GLY B 532 14.05 -21.59 -9.71
N ASP B 533 13.30 -22.65 -9.48
CA ASP B 533 12.82 -23.51 -10.55
C ASP B 533 11.73 -22.96 -11.49
N ASN B 534 10.69 -22.36 -10.93
CA ASN B 534 9.51 -21.93 -11.67
C ASN B 534 9.45 -20.53 -12.32
N LEU B 535 10.50 -19.73 -12.21
CA LEU B 535 10.58 -18.51 -12.97
C LEU B 535 11.79 -18.43 -13.87
N LEU B 536 11.52 -18.12 -15.13
CA LEU B 536 12.50 -17.85 -16.12
C LEU B 536 12.59 -16.36 -16.35
N ILE B 537 13.78 -15.83 -16.35
CA ILE B 537 13.99 -14.41 -16.59
C ILE B 537 14.92 -14.15 -17.77
N ILE B 538 14.48 -13.36 -18.73
CA ILE B 538 15.33 -12.92 -19.83
C ILE B 538 15.34 -11.42 -20.05
N PRO B 539 16.55 -10.88 -20.06
CA PRO B 539 16.82 -9.44 -20.28
C PRO B 539 16.77 -9.13 -21.76
N ALA B 540 17.37 -8.04 -22.22
CA ALA B 540 17.37 -7.76 -23.65
C ALA B 540 18.43 -6.85 -24.25
N PHE B 541 19.64 -7.34 -24.39
CA PHE B 541 20.61 -6.81 -25.37
C PHE B 541 20.79 -7.82 -26.50
N ALA B 542 20.37 -9.04 -26.25
CA ALA B 542 20.43 -10.04 -27.28
C ALA B 542 20.22 -11.42 -26.67
N ASN B 543 21.20 -12.26 -26.95
CA ASN B 543 21.13 -13.63 -26.60
C ASN B 543 19.87 -14.05 -27.30
N GLN B 544 20.00 -14.76 -28.40
CA GLN B 544 18.85 -15.39 -28.97
C GLN B 544 18.98 -16.54 -28.06
N PRO B 545 18.42 -16.40 -26.89
CA PRO B 545 19.00 -16.99 -25.71
C PRO B 545 19.12 -18.49 -25.76
N ALA B 546 18.08 -19.15 -26.23
CA ALA B 546 18.06 -20.58 -26.30
C ALA B 546 16.78 -20.97 -25.60
N LEU B 547 16.88 -21.03 -24.28
CA LEU B 547 15.76 -21.23 -23.41
C LEU B 547 15.45 -22.63 -22.95
N PRO B 548 14.80 -22.73 -21.80
CA PRO B 548 14.21 -23.99 -21.33
C PRO B 548 12.96 -24.39 -22.14
N LYS B 549 12.88 -25.69 -22.42
CA LYS B 549 11.80 -26.31 -23.18
C LYS B 549 10.60 -26.62 -22.29
N GLY B 550 9.46 -26.89 -22.87
CA GLY B 550 8.32 -27.34 -22.14
C GLY B 550 7.23 -26.32 -22.22
N ILE B 551 6.80 -25.82 -21.08
CA ILE B 551 5.88 -24.70 -21.08
C ILE B 551 6.32 -23.43 -20.36
N TRP B 552 5.49 -22.45 -20.60
CA TRP B 552 5.69 -20.99 -20.78
C TRP B 552 4.45 -20.16 -20.50
N LYS B 553 4.65 -18.84 -20.49
CA LYS B 553 3.76 -17.90 -19.85
C LYS B 553 3.88 -16.46 -20.31
N GLU B 554 3.29 -15.58 -19.51
CA GLU B 554 3.44 -14.16 -19.66
C GLU B 554 3.72 -13.45 -18.31
N LEU B 555 2.66 -12.99 -17.66
CA LEU B 555 2.77 -12.47 -16.31
C LEU B 555 2.59 -10.96 -16.01
N SER B 556 2.67 -10.08 -17.01
CA SER B 556 2.60 -8.65 -16.70
C SER B 556 1.27 -8.22 -16.14
N LEU B 557 0.98 -8.75 -14.96
CA LEU B 557 -0.17 -8.39 -14.11
C LEU B 557 -1.47 -8.03 -14.81
N GLN B 562 2.08 -3.22 -28.87
CA GLN B 562 2.28 -3.57 -27.47
C GLN B 562 3.47 -2.85 -26.85
N ASN B 563 4.67 -3.09 -27.36
CA ASN B 563 5.80 -2.17 -27.29
C ASN B 563 6.52 -1.92 -25.96
N ASP B 564 5.78 -1.29 -25.06
CA ASP B 564 6.31 -0.60 -23.87
C ASP B 564 7.67 -1.06 -23.39
N LYS B 565 7.65 -1.91 -22.36
CA LYS B 565 8.78 -2.69 -21.80
C LYS B 565 10.25 -2.29 -22.08
N TYR B 566 11.05 -2.27 -21.00
CA TYR B 566 12.38 -1.69 -21.03
C TYR B 566 13.37 -2.19 -19.96
N GLN B 567 13.44 -3.49 -19.67
CA GLN B 567 12.81 -4.52 -20.47
C GLN B 567 12.33 -5.73 -19.64
N ALA B 568 12.63 -6.93 -20.12
CA ALA B 568 12.56 -8.19 -19.36
C ALA B 568 11.34 -9.15 -19.53
N LYS B 569 11.53 -10.24 -20.27
CA LYS B 569 10.53 -11.28 -20.39
C LYS B 569 10.55 -12.24 -19.20
N MET B 570 9.38 -12.42 -18.56
CA MET B 570 9.16 -13.42 -17.51
C MET B 570 8.36 -14.62 -18.05
N LYS B 571 8.71 -15.82 -17.59
CA LYS B 571 8.04 -17.03 -18.04
C LYS B 571 7.74 -17.98 -16.89
N ILE B 572 6.47 -18.32 -16.72
CA ILE B 572 6.04 -19.24 -15.68
C ILE B 572 6.16 -20.68 -16.17
N ARG B 573 6.71 -21.55 -15.32
CA ARG B 573 6.91 -22.94 -15.68
C ARG B 573 5.63 -23.76 -15.63
N GLY B 574 5.44 -24.61 -16.62
CA GLY B 574 4.31 -25.51 -16.59
C GLY B 574 4.45 -26.45 -15.42
N GLY B 575 3.36 -26.70 -14.73
CA GLY B 575 3.35 -27.56 -13.56
C GLY B 575 3.90 -26.92 -12.32
N ALA B 576 3.81 -25.61 -12.25
CA ALA B 576 4.40 -24.87 -11.15
C ALA B 576 3.48 -23.83 -10.56
N ILE B 577 3.37 -23.81 -9.24
CA ILE B 577 2.61 -22.78 -8.56
C ILE B 577 3.47 -21.80 -7.79
N ILE B 578 3.53 -20.57 -8.28
CA ILE B 578 4.27 -19.49 -7.65
C ILE B 578 3.45 -18.61 -6.70
N PRO B 579 3.91 -18.42 -5.48
CA PRO B 579 3.20 -17.58 -4.52
C PRO B 579 3.60 -16.10 -4.55
N THR B 580 2.59 -15.25 -4.67
CA THR B 580 2.80 -13.82 -4.80
C THR B 580 2.04 -12.99 -3.78
N GLY B 581 2.65 -11.91 -3.35
CA GLY B 581 2.01 -10.85 -2.61
C GLY B 581 1.49 -9.70 -3.44
N LYS B 582 0.91 -8.72 -2.76
CA LYS B 582 0.49 -7.45 -3.34
C LYS B 582 1.67 -6.54 -3.49
N ILE B 583 1.49 -5.44 -4.19
CA ILE B 583 2.54 -4.46 -4.29
C ILE B 583 2.77 -3.86 -2.92
N ILE B 584 4.05 -3.70 -2.61
CA ILE B 584 4.49 -3.30 -1.32
C ILE B 584 5.58 -2.24 -1.41
N GLN B 585 5.46 -1.20 -0.62
CA GLN B 585 6.50 -0.19 -0.58
C GLN B 585 7.59 -0.56 0.39
N ASN B 586 7.29 -1.58 1.20
CA ASN B 586 8.11 -2.08 2.27
C ASN B 586 7.91 -3.56 2.46
N THR B 587 8.89 -4.19 3.09
CA THR B 587 8.73 -5.49 3.72
C THR B 587 8.16 -5.34 5.11
N THR B 588 8.19 -4.12 5.59
CA THR B 588 7.57 -3.72 6.85
C THR B 588 6.07 -3.75 6.77
N GLU B 589 5.55 -3.64 5.55
CA GLU B 589 4.14 -3.74 5.12
C GLU B 589 3.57 -5.16 4.97
N ASN B 590 2.28 -5.33 4.72
CA ASN B 590 1.69 -6.66 4.83
C ASN B 590 2.22 -7.72 3.92
N SER B 591 2.43 -7.40 2.67
CA SER B 591 3.35 -8.17 1.87
C SER B 591 2.74 -9.38 1.22
N LEU B 592 1.64 -9.88 1.76
CA LEU B 592 0.93 -10.92 1.10
C LEU B 592 -0.51 -10.80 1.34
N ASP B 593 -1.23 -10.34 0.34
CA ASP B 593 -2.67 -10.51 0.36
C ASP B 593 -3.05 -11.66 -0.60
N PRO B 594 -3.84 -11.40 -1.60
CA PRO B 594 -4.91 -12.28 -2.07
C PRO B 594 -4.57 -13.72 -2.56
N LEU B 595 -5.82 -14.79 -2.68
CA LEU B 595 -5.75 -16.06 -3.39
C LEU B 595 -4.84 -15.94 -4.60
N THR B 596 -3.68 -15.30 -4.41
CA THR B 596 -2.70 -15.20 -5.50
C THR B 596 -1.57 -16.25 -5.51
N LEU B 597 -1.95 -17.46 -5.77
CA LEU B 597 -1.08 -18.49 -6.13
C LEU B 597 -0.98 -18.44 -7.59
N LEU B 598 0.20 -18.29 -8.17
CA LEU B 598 0.30 -18.28 -9.62
C LEU B 598 0.44 -19.68 -10.20
N VAL B 599 -0.56 -20.09 -10.96
CA VAL B 599 -0.69 -21.45 -11.49
C VAL B 599 -0.56 -21.60 -13.01
N CYS B 600 0.38 -22.44 -13.42
CA CYS B 600 0.49 -22.92 -14.79
C CYS B 600 0.55 -24.42 -14.69
N LEU B 601 -0.27 -25.12 -15.45
CA LEU B 601 -0.27 -26.58 -15.41
C LEU B 601 0.60 -27.18 -16.51
N ASP B 602 1.05 -28.40 -16.27
CA ASP B 602 1.89 -29.12 -17.23
C ASP B 602 1.09 -30.01 -18.17
N GLU B 603 1.79 -30.96 -18.75
CA GLU B 603 1.25 -31.77 -19.81
C GLU B 603 0.07 -32.59 -19.30
N GLN B 604 0.00 -32.74 -18.01
CA GLN B 604 -1.00 -33.59 -17.41
C GLN B 604 -1.95 -32.86 -16.46
N GLY B 605 -2.24 -31.60 -16.75
CA GLY B 605 -3.12 -30.79 -15.93
C GLY B 605 -2.76 -30.63 -14.47
N LYS B 606 -1.52 -30.31 -14.17
CA LYS B 606 -1.09 -30.17 -12.77
C LYS B 606 0.07 -29.20 -12.47
N ALA B 607 0.05 -28.68 -11.24
CA ALA B 607 1.08 -27.77 -10.79
C ALA B 607 1.45 -28.06 -9.34
N SER B 608 2.70 -27.81 -8.98
CA SER B 608 3.15 -27.93 -7.59
C SER B 608 4.00 -26.75 -7.11
N GLY B 609 3.68 -26.23 -5.93
CA GLY B 609 4.42 -25.13 -5.37
C GLY B 609 4.49 -25.10 -3.85
N ASN B 610 5.45 -24.36 -3.34
CA ASN B 610 5.67 -24.24 -1.93
C ASN B 610 5.89 -22.78 -1.48
N MET B 611 5.50 -22.49 -0.24
CA MET B 611 5.77 -21.25 0.48
C MET B 611 6.38 -21.46 1.88
N TYR B 612 7.37 -20.66 2.23
CA TYR B 612 7.83 -20.52 3.60
C TYR B 612 7.60 -19.09 4.05
N TRP B 613 7.27 -18.88 5.33
CA TRP B 613 7.12 -17.53 5.90
C TRP B 613 7.24 -17.49 7.40
N ASP B 614 7.57 -16.33 7.91
CA ASP B 614 7.66 -16.07 9.35
C ASP B 614 7.64 -14.59 9.64
N ALA B 615 8.14 -14.24 10.81
CA ALA B 615 8.17 -12.87 11.31
C ALA B 615 9.03 -11.95 10.46
N GLY B 616 9.99 -12.54 9.77
CA GLY B 616 10.94 -11.82 8.98
C GLY B 616 12.14 -11.35 9.77
N ASP B 617 12.17 -11.65 11.06
CA ASP B 617 13.33 -11.32 11.87
C ASP B 617 13.75 -12.30 12.96
N GLY B 618 13.32 -13.54 12.89
CA GLY B 618 13.83 -14.56 13.77
C GLY B 618 15.28 -14.74 13.42
N TRP B 619 16.12 -15.06 14.42
CA TRP B 619 17.58 -15.25 14.29
C TRP B 619 18.00 -16.45 13.43
N SER B 620 17.08 -17.38 13.24
CA SER B 620 16.74 -18.10 12.03
C SER B 620 15.22 -18.41 11.99
N TYR B 621 14.88 -19.68 11.96
CA TYR B 621 13.47 -20.08 12.04
C TYR B 621 13.12 -21.21 13.03
N LYS B 622 14.13 -21.94 13.51
CA LYS B 622 13.87 -23.08 14.39
C LYS B 622 13.88 -22.61 15.79
N LYS B 623 12.94 -21.74 16.04
CA LYS B 623 11.83 -21.75 16.94
C LYS B 623 10.88 -22.86 16.60
N GLY B 624 10.66 -23.04 15.31
CA GLY B 624 9.49 -23.72 14.81
C GLY B 624 8.38 -22.76 14.48
N ASP B 625 8.65 -21.46 14.60
CA ASP B 625 7.71 -20.38 14.31
C ASP B 625 7.73 -19.99 12.83
N TYR B 626 7.02 -20.76 12.02
CA TYR B 626 6.94 -20.53 10.58
C TYR B 626 5.66 -21.12 9.98
N SER B 627 5.35 -20.74 8.76
CA SER B 627 4.31 -21.39 8.00
C SER B 627 4.94 -21.90 6.73
N LEU B 628 5.03 -23.21 6.56
CA LEU B 628 5.56 -23.77 5.33
C LEU B 628 4.49 -24.54 4.56
N LEU B 629 4.12 -24.05 3.40
CA LEU B 629 3.00 -24.62 2.64
C LEU B 629 3.37 -25.18 1.28
N GLN B 630 2.87 -26.37 0.99
CA GLN B 630 3.08 -27.03 -0.27
C GLN B 630 1.80 -26.88 -1.01
N PHE B 631 1.85 -26.33 -2.22
CA PHE B 631 0.62 -26.11 -2.97
C PHE B 631 0.49 -27.11 -4.11
N VAL B 632 -0.71 -27.64 -4.28
CA VAL B 632 -0.97 -28.59 -5.33
C VAL B 632 -2.14 -28.13 -6.17
N ALA B 633 -2.11 -28.41 -7.47
CA ALA B 633 -3.20 -28.10 -8.36
C ALA B 633 -3.39 -29.28 -9.26
N GLU B 634 -4.61 -29.63 -9.60
CA GLU B 634 -4.83 -30.78 -10.46
C GLU B 634 -6.06 -30.75 -11.37
N ARG B 635 -5.88 -31.26 -12.57
CA ARG B 635 -6.92 -31.69 -13.49
C ARG B 635 -7.35 -30.68 -14.53
N ASN B 636 -7.05 -30.99 -15.77
CA ASN B 636 -7.91 -30.91 -16.92
C ASN B 636 -8.22 -29.59 -17.62
N GLY B 637 -9.21 -29.70 -18.49
CA GLY B 637 -9.70 -28.66 -19.35
C GLY B 637 -11.07 -28.21 -18.92
N ASP B 638 -11.46 -28.61 -17.73
CA ASP B 638 -12.40 -27.84 -16.97
C ASP B 638 -12.08 -27.94 -15.51
N LYS B 639 -12.34 -26.86 -14.78
CA LYS B 639 -12.35 -26.86 -13.32
C LYS B 639 -11.01 -27.31 -12.75
N VAL B 640 -10.24 -26.39 -12.21
CA VAL B 640 -8.98 -26.76 -11.63
C VAL B 640 -9.14 -26.70 -10.14
N THR B 641 -8.53 -27.63 -9.41
CA THR B 641 -8.55 -27.57 -7.96
C THR B 641 -7.18 -27.37 -7.34
N VAL B 642 -6.98 -26.27 -6.63
CA VAL B 642 -5.78 -26.06 -5.86
C VAL B 642 -6.10 -26.14 -4.37
N LYS B 643 -5.35 -26.99 -3.67
CA LYS B 643 -5.58 -27.40 -2.30
C LYS B 643 -4.30 -27.33 -1.46
N LEU B 644 -4.41 -27.46 -0.15
CA LEU B 644 -3.22 -27.39 0.67
C LEU B 644 -2.71 -28.79 0.98
N THR B 645 -1.57 -29.17 0.41
CA THR B 645 -0.89 -30.42 0.77
C THR B 645 -0.31 -30.49 2.19
N LYS B 646 0.32 -29.39 2.63
CA LYS B 646 1.00 -29.32 3.91
C LYS B 646 0.77 -28.02 4.65
N LYS B 647 0.77 -28.10 5.98
CA LYS B 647 0.87 -26.94 6.87
C LYS B 647 1.73 -27.20 8.08
N THR B 648 3.01 -27.42 7.86
CA THR B 648 4.00 -27.35 8.91
C THR B 648 3.97 -25.93 9.37
N GLY B 649 4.00 -25.73 10.68
CA GLY B 649 3.29 -24.64 11.30
C GLY B 649 3.73 -23.97 12.58
N LYS B 650 2.73 -23.31 13.14
CA LYS B 650 2.81 -22.39 14.25
C LYS B 650 2.68 -20.89 13.93
N TYR B 651 2.86 -20.47 12.68
CA TYR B 651 2.76 -19.05 12.30
C TYR B 651 1.51 -18.59 11.47
N ASN B 652 1.76 -17.61 10.63
CA ASN B 652 0.79 -16.72 10.00
C ASN B 652 0.01 -15.88 10.98
N THR B 653 0.68 -15.52 12.06
CA THR B 653 0.02 -15.01 13.23
C THR B 653 0.24 -13.54 13.49
N GLU B 654 -0.91 -12.88 13.64
CA GLU B 654 -1.03 -11.52 14.10
C GLU B 654 -0.40 -10.36 13.29
N ASN B 655 -0.74 -10.22 11.99
CA ASN B 655 -1.45 -11.21 11.17
C ASN B 655 -0.90 -11.41 9.76
N LYS B 656 -0.58 -12.64 9.40
CA LYS B 656 -0.23 -12.94 8.03
C LYS B 656 -1.36 -13.72 7.39
N ASP B 657 -2.20 -13.02 6.64
CA ASP B 657 -3.39 -13.58 5.97
C ASP B 657 -4.16 -14.54 6.87
N MET B 658 -4.95 -15.43 6.29
CA MET B 658 -5.47 -16.55 7.07
C MET B 658 -5.15 -17.90 6.45
N ALA B 659 -6.08 -18.45 5.69
CA ALA B 659 -5.78 -19.59 4.83
C ALA B 659 -6.78 -19.67 3.69
N VAL B 660 -6.41 -19.27 2.49
CA VAL B 660 -7.36 -19.04 1.39
C VAL B 660 -8.06 -20.25 0.64
N ILE B 661 -9.04 -19.95 -0.21
CA ILE B 661 -10.00 -20.92 -0.79
C ILE B 661 -9.74 -21.76 -2.09
N LYS B 662 -10.81 -22.49 -2.44
CA LYS B 662 -10.90 -23.72 -3.23
C LYS B 662 -10.68 -25.00 -2.40
N ILE B 663 -11.31 -25.03 -1.21
CA ILE B 663 -11.49 -26.15 -0.25
C ILE B 663 -10.77 -26.06 1.13
N ILE B 664 -9.52 -25.59 1.12
CA ILE B 664 -8.71 -25.54 2.32
C ILE B 664 -7.23 -25.23 2.03
#